data_1XKB
#
_entry.id   1XKB
#
_cell.length_a   58.270
_cell.length_b   105.220
_cell.length_c   63.240
_cell.angle_alpha   90.00
_cell.angle_beta   103.40
_cell.angle_gamma   90.00
#
_symmetry.space_group_name_H-M   'P 1 21 1'
#
loop_
_entity.id
_entity.type
_entity.pdbx_description
1 polymer 'BLOOD COAGULATION FACTOR XA'
2 polymer 'BLOOD COAGULATION FACTOR XA'
3 non-polymer 'CALCIUM ION'
4 non-polymer "(2S)-(3'-AMIDINO-3-BIPHENYL)-5-(4-PYRIDYLAMINO)PENTANOIC ACID"
5 water water
#
loop_
_entity_poly.entity_id
_entity_poly.type
_entity_poly.pdbx_seq_one_letter_code
_entity_poly.pdbx_strand_id
1 'polypeptide(L)'
;KDGDQCETSPCQNQGKCK(BHD)GLGEYTCTCLEGFEGKNCELFTRKLCSLDNGDCDQFCHEEQNSVVCSCARGYTLADN
GKACIPTGPYPCGKQTLER
;
A,B
2 'polypeptide(L)'
;IVGGQECKDGECPWQALLINEENEGFCGGTILSEFYILTAAHCLYQAKRFKVRVGDRNTEQEEGGEAVHEVEVVIKHNRF
TKETYDFDIAVLRLKTPITFRMNVAPACLPERDWAESTLMTQKTGIVSGFGRTHEKGRQSTRLKMLEVPYVDRNSCKLSS
SFIITQNMFCAGYDTKQEDACQGDSGGPHVTRFKDTYFVTGIVSWGEGCARKGKYGIYTKVTAFLKWIDRSMKTR
;
C,D
#
# COMPACT_ATOMS: atom_id res chain seq x y z
N ASP A 4 -16.65 -9.22 63.45
CA ASP A 4 -16.69 -10.58 62.86
C ASP A 4 -16.02 -10.59 61.49
N GLN A 5 -16.27 -9.55 60.69
CA GLN A 5 -15.65 -9.43 59.36
C GLN A 5 -14.16 -9.62 59.55
N CYS A 6 -13.65 -8.98 60.59
CA CYS A 6 -12.23 -9.04 60.95
C CYS A 6 -11.94 -10.20 61.89
N GLU A 7 -12.99 -10.88 62.35
CA GLU A 7 -12.82 -12.01 63.24
C GLU A 7 -11.87 -13.01 62.59
N THR A 8 -11.94 -13.04 61.26
CA THR A 8 -11.11 -13.92 60.46
C THR A 8 -9.74 -13.29 60.20
N SER A 9 -9.60 -12.00 60.51
CA SER A 9 -8.34 -11.30 60.31
C SER A 9 -7.86 -11.61 58.89
N PRO A 10 -8.60 -11.14 57.89
CA PRO A 10 -8.29 -11.33 56.48
C PRO A 10 -7.05 -10.62 55.95
N CYS A 11 -6.52 -9.66 56.71
CA CYS A 11 -5.34 -8.91 56.29
C CYS A 11 -4.02 -9.63 56.51
N GLN A 12 -3.06 -9.33 55.65
CA GLN A 12 -1.74 -9.95 55.72
C GLN A 12 -0.63 -8.90 55.77
N ASN A 13 0.56 -9.37 56.11
CA ASN A 13 1.75 -8.53 56.18
C ASN A 13 1.61 -7.37 57.16
N GLN A 14 0.95 -7.65 58.30
CA GLN A 14 0.73 -6.66 59.34
C GLN A 14 -0.17 -5.50 58.90
N GLY A 15 -1.13 -5.81 58.03
CA GLY A 15 -2.06 -4.79 57.58
C GLY A 15 -3.13 -4.66 58.66
N LYS A 16 -3.96 -3.63 58.59
CA LYS A 16 -4.98 -3.45 59.62
C LYS A 16 -6.43 -3.60 59.15
N CYS A 17 -7.09 -4.64 59.63
CA CYS A 17 -8.47 -4.88 59.26
C CYS A 17 -9.36 -3.84 59.93
N LYS A 18 -10.29 -3.29 59.18
CA LYS A 18 -11.19 -2.26 59.70
C LYS A 18 -12.57 -2.45 59.11
N GLY A 20 -15.92 -2.25 57.61
CA GLY A 20 -16.62 -1.08 57.13
C GLY A 20 -18.13 -1.24 57.25
N LEU A 21 -18.88 -0.52 56.42
CA LEU A 21 -20.34 -0.59 56.45
C LEU A 21 -20.81 -2.03 56.56
N GLY A 22 -20.60 -2.80 55.51
CA GLY A 22 -20.99 -4.21 55.55
C GLY A 22 -19.87 -5.03 54.95
N GLU A 23 -18.65 -4.59 55.15
CA GLU A 23 -17.47 -5.27 54.60
C GLU A 23 -16.21 -4.80 55.32
N TYR A 24 -15.25 -5.70 55.55
CA TYR A 24 -13.99 -5.35 56.22
C TYR A 24 -13.09 -4.51 55.32
N THR A 25 -11.94 -4.11 55.85
CA THR A 25 -11.02 -3.30 55.08
C THR A 25 -9.61 -3.49 55.62
N CYS A 26 -8.63 -3.52 54.73
CA CYS A 26 -7.26 -3.69 55.13
C CYS A 26 -6.46 -2.45 54.78
N THR A 27 -5.82 -1.85 55.78
CA THR A 27 -4.99 -0.66 55.59
C THR A 27 -3.55 -1.14 55.55
N CYS A 28 -3.09 -1.44 54.36
CA CYS A 28 -1.76 -1.98 54.12
C CYS A 28 -0.57 -1.24 54.67
N LEU A 29 0.48 -2.02 54.93
CA LEU A 29 1.76 -1.51 55.44
C LEU A 29 2.47 -0.91 54.22
N GLU A 30 3.70 -0.46 54.40
CA GLU A 30 4.45 0.13 53.31
C GLU A 30 4.99 -0.94 52.34
N GLY A 31 4.49 -0.95 51.11
CA GLY A 31 4.96 -1.92 50.14
C GLY A 31 4.05 -3.10 49.86
N PHE A 32 2.85 -3.07 50.43
CA PHE A 32 1.87 -4.13 50.23
C PHE A 32 0.57 -3.51 49.76
N GLU A 33 -0.17 -4.23 48.93
CA GLU A 33 -1.43 -3.71 48.44
C GLU A 33 -2.42 -4.84 48.18
N GLY A 34 -3.55 -4.49 47.57
CA GLY A 34 -4.59 -5.47 47.30
C GLY A 34 -5.55 -5.54 48.46
N LYS A 35 -6.74 -6.06 48.21
CA LYS A 35 -7.77 -6.19 49.24
C LYS A 35 -7.24 -6.60 50.60
N ASN A 36 -6.37 -7.60 50.65
CA ASN A 36 -5.83 -8.07 51.93
C ASN A 36 -4.33 -7.85 52.09
N CYS A 37 -3.77 -6.91 51.34
CA CYS A 37 -2.34 -6.65 51.42
C CYS A 37 -1.58 -7.94 51.17
N GLU A 38 -1.99 -8.66 50.13
CA GLU A 38 -1.36 -9.91 49.79
C GLU A 38 -0.48 -9.74 48.55
N LEU A 39 -0.38 -8.51 48.05
CA LEU A 39 0.43 -8.23 46.87
C LEU A 39 1.62 -7.32 47.22
N PHE A 40 2.66 -7.37 46.40
CA PHE A 40 3.84 -6.53 46.61
C PHE A 40 3.63 -5.36 45.65
N THR A 41 3.94 -4.16 46.07
CA THR A 41 3.78 -3.00 45.19
C THR A 41 5.08 -2.82 44.43
N ARG A 42 6.13 -3.43 44.97
CA ARG A 42 7.45 -3.37 44.40
C ARG A 42 7.64 -4.51 43.40
N LYS A 43 7.95 -4.17 42.16
CA LYS A 43 8.16 -5.19 41.12
C LYS A 43 9.43 -4.89 40.33
N LEU A 44 10.22 -5.92 40.08
CA LEU A 44 11.46 -5.77 39.34
C LEU A 44 11.17 -5.80 37.84
N CYS A 45 12.20 -5.51 37.06
CA CYS A 45 12.08 -5.45 35.60
C CYS A 45 11.40 -6.66 35.00
N SER A 46 11.44 -7.78 35.71
CA SER A 46 10.82 -9.00 35.22
C SER A 46 9.31 -8.87 35.11
N LEU A 47 8.69 -8.08 35.99
CA LEU A 47 7.25 -7.90 35.99
C LEU A 47 6.83 -6.52 35.49
N ASP A 48 6.13 -6.49 34.36
CA ASP A 48 5.65 -5.26 33.73
C ASP A 48 6.78 -4.29 33.42
N ASN A 49 7.98 -4.83 33.24
CA ASN A 49 9.15 -4.03 32.93
C ASN A 49 9.45 -3.10 34.09
N GLY A 50 8.98 -3.47 35.29
CA GLY A 50 9.19 -2.66 36.46
C GLY A 50 8.43 -1.34 36.35
N ASP A 51 7.49 -1.31 35.41
CA ASP A 51 6.65 -0.13 35.15
C ASP A 51 7.34 0.98 34.35
N CYS A 52 8.56 0.71 33.88
CA CYS A 52 9.29 1.67 33.08
C CYS A 52 8.66 1.74 31.70
N ASP A 53 8.74 2.90 31.07
CA ASP A 53 8.17 3.04 29.74
C ASP A 53 9.11 2.45 28.70
N GLN A 54 10.40 2.53 28.96
CA GLN A 54 11.42 2.00 28.06
C GLN A 54 12.41 1.07 28.76
N PHE A 55 13.66 1.49 28.88
CA PHE A 55 14.67 0.62 29.50
C PHE A 55 14.52 0.47 31.01
N CYS A 56 14.75 -0.74 31.47
CA CYS A 56 14.66 -1.08 32.88
C CYS A 56 15.90 -1.87 33.30
N HIS A 57 16.36 -1.66 34.52
CA HIS A 57 17.50 -2.39 35.06
C HIS A 57 17.49 -2.27 36.57
N GLU A 58 17.98 -3.29 37.25
CA GLU A 58 18.01 -3.29 38.71
C GLU A 58 19.36 -2.81 39.23
N GLU A 59 19.34 -2.19 40.40
CA GLU A 59 20.55 -1.70 41.03
C GLU A 59 20.40 -1.83 42.54
N GLN A 60 20.89 -2.95 43.07
CA GLN A 60 20.82 -3.26 44.49
C GLN A 60 19.44 -3.82 44.84
N ASN A 61 18.91 -4.66 43.95
CA ASN A 61 17.60 -5.27 44.13
C ASN A 61 16.53 -4.20 43.94
N SER A 62 16.86 -3.13 43.24
CA SER A 62 15.90 -2.05 43.01
C SER A 62 15.91 -1.60 41.54
N VAL A 63 14.71 -1.43 40.99
CA VAL A 63 14.51 -1.03 39.60
C VAL A 63 14.92 0.40 39.32
N VAL A 64 15.57 0.59 38.18
CA VAL A 64 16.02 1.90 37.74
C VAL A 64 15.67 1.99 36.26
N CYS A 65 14.79 2.92 35.92
CA CYS A 65 14.36 3.08 34.54
C CYS A 65 15.26 4.06 33.81
N SER A 66 15.20 4.03 32.48
CA SER A 66 15.99 4.92 31.63
C SER A 66 15.27 5.02 30.30
N CYS A 67 15.68 5.99 29.49
CA CYS A 67 15.06 6.21 28.19
C CYS A 67 16.10 6.39 27.09
N ALA A 68 15.66 6.18 25.85
CA ALA A 68 16.54 6.34 24.71
C ALA A 68 16.81 7.84 24.56
N ARG A 69 17.95 8.20 23.98
CA ARG A 69 18.28 9.60 23.81
C ARG A 69 17.08 10.29 23.18
N GLY A 70 16.92 11.58 23.48
CA GLY A 70 15.78 12.33 22.96
C GLY A 70 14.59 12.26 23.89
N TYR A 71 14.79 11.58 25.02
CA TYR A 71 13.77 11.40 26.05
C TYR A 71 14.36 11.70 27.43
N THR A 72 13.50 12.15 28.33
CA THR A 72 13.88 12.46 29.71
C THR A 72 12.97 11.63 30.57
N LEU A 73 13.51 11.03 31.62
CA LEU A 73 12.69 10.21 32.51
C LEU A 73 11.76 11.08 33.34
N ALA A 74 10.47 10.70 33.39
CA ALA A 74 9.49 11.45 34.17
C ALA A 74 9.93 11.53 35.62
N ASP A 75 9.43 12.53 36.34
CA ASP A 75 9.78 12.72 37.74
C ASP A 75 9.36 11.54 38.61
N ASN A 76 8.38 10.77 38.14
CA ASN A 76 7.90 9.61 38.89
C ASN A 76 8.90 8.47 38.79
N GLY A 77 9.91 8.65 37.93
CA GLY A 77 10.95 7.65 37.76
C GLY A 77 10.62 6.49 36.83
N LYS A 78 9.51 6.60 36.11
CA LYS A 78 9.11 5.54 35.22
C LYS A 78 8.91 5.98 33.79
N ALA A 79 8.02 6.95 33.59
CA ALA A 79 7.70 7.44 32.26
C ALA A 79 8.84 8.16 31.53
N CYS A 80 8.78 8.11 30.20
CA CYS A 80 9.76 8.77 29.36
C CYS A 80 9.02 9.85 28.60
N ILE A 81 9.57 11.07 28.64
CA ILE A 81 8.96 12.20 27.97
C ILE A 81 9.82 12.69 26.81
N PRO A 82 9.25 12.72 25.60
CA PRO A 82 10.00 13.18 24.43
C PRO A 82 10.26 14.66 24.55
N THR A 83 11.53 15.03 24.56
CA THR A 83 11.89 16.43 24.67
C THR A 83 11.66 17.17 23.35
N GLY A 84 12.35 16.78 22.29
CA GLY A 84 12.21 17.44 21.00
C GLY A 84 10.97 17.06 20.20
N PRO A 85 10.76 17.67 19.01
CA PRO A 85 9.61 17.42 18.13
C PRO A 85 9.38 16.01 17.59
N TYR A 86 10.40 15.37 17.03
CA TYR A 86 10.19 14.02 16.50
C TYR A 86 11.01 12.96 17.24
N PRO A 87 10.55 12.56 18.43
CA PRO A 87 11.30 11.55 19.18
C PRO A 87 11.44 10.26 18.39
N CYS A 88 12.46 9.47 18.70
CA CYS A 88 12.70 8.22 18.00
C CYS A 88 11.67 7.15 18.32
N GLY A 89 11.65 6.11 17.50
CA GLY A 89 10.74 5.00 17.72
C GLY A 89 9.25 5.25 17.61
N LYS A 90 8.85 6.50 17.42
CA LYS A 90 7.42 6.78 17.31
C LYS A 90 6.99 7.01 15.87
N GLN A 91 5.82 6.49 15.50
CA GLN A 91 5.32 6.70 14.15
C GLN A 91 4.93 8.19 14.04
N THR A 92 4.85 8.72 12.84
CA THR A 92 4.54 10.14 12.66
C THR A 92 3.09 10.53 12.35
N LEU A 93 2.62 11.58 13.01
CA LEU A 93 1.25 12.09 12.84
C LEU A 93 1.20 13.43 12.12
N GLU A 94 0.00 13.76 11.63
CA GLU A 94 -0.25 15.01 10.89
C GLU A 94 0.32 14.92 9.47
N ILE B 1 10.09 -6.60 -0.27
CA ILE B 1 9.31 -7.36 0.74
C ILE B 1 8.35 -8.30 0.05
N VAL B 2 8.36 -9.56 0.44
CA VAL B 2 7.46 -10.55 -0.14
C VAL B 2 6.34 -10.74 0.88
N GLY B 3 5.11 -10.46 0.49
CA GLY B 3 4.00 -10.59 1.41
C GLY B 3 3.89 -9.26 2.16
N GLY B 4 3.39 -9.30 3.39
CA GLY B 4 3.27 -8.07 4.15
C GLY B 4 2.31 -7.10 3.51
N GLN B 5 2.55 -5.81 3.68
CA GLN B 5 1.69 -4.79 3.09
C GLN B 5 2.41 -3.45 2.98
N GLU B 6 1.79 -2.51 2.29
CA GLU B 6 2.37 -1.16 2.13
C GLU B 6 2.23 -0.39 3.43
N CYS B 7 3.25 0.36 3.81
CA CYS B 7 3.24 1.15 5.04
C CYS B 7 2.26 2.30 4.88
N LYS B 8 1.52 2.61 5.94
CA LYS B 8 0.59 3.73 5.89
C LYS B 8 1.46 4.96 6.10
N ASP B 9 0.91 6.15 5.86
CA ASP B 9 1.72 7.35 6.04
C ASP B 9 2.29 7.45 7.45
N GLY B 10 3.52 7.91 7.54
CA GLY B 10 4.16 8.04 8.84
C GLY B 10 4.18 6.75 9.63
N GLU B 11 4.13 5.60 8.96
CA GLU B 11 4.13 4.31 9.66
C GLU B 11 5.52 3.66 9.81
N CYS B 12 6.37 3.87 8.81
CA CYS B 12 7.73 3.32 8.80
C CYS B 12 8.64 4.52 8.45
N PRO B 13 8.58 5.59 9.26
CA PRO B 13 9.35 6.82 9.07
C PRO B 13 10.87 6.71 9.20
N TRP B 14 11.36 5.62 9.76
CA TRP B 14 12.79 5.43 9.93
C TRP B 14 13.39 4.70 8.75
N GLN B 15 12.64 4.62 7.66
CA GLN B 15 13.09 3.94 6.45
C GLN B 15 13.83 4.89 5.53
N ALA B 16 15.10 4.57 5.26
CA ALA B 16 15.92 5.35 4.35
C ALA B 16 16.07 4.48 3.11
N LEU B 17 16.61 5.04 2.05
CA LEU B 17 16.79 4.25 0.85
C LEU B 17 18.05 4.73 0.16
N LEU B 18 18.97 3.81 -0.09
CA LEU B 18 20.22 4.15 -0.78
C LEU B 18 19.92 4.04 -2.27
N ILE B 19 20.12 5.13 -2.98
CA ILE B 19 19.87 5.18 -4.42
C ILE B 19 21.21 5.26 -5.14
N ASN B 20 21.34 4.53 -6.24
CA ASN B 20 22.58 4.54 -6.99
C ASN B 20 22.69 5.78 -7.87
N GLU B 21 23.63 5.74 -8.80
CA GLU B 21 23.87 6.86 -9.71
C GLU B 21 22.62 7.18 -10.52
N GLU B 22 21.83 6.15 -10.82
CA GLU B 22 20.61 6.33 -11.60
C GLU B 22 19.40 6.58 -10.70
N ASN B 23 19.67 7.03 -9.48
CA ASN B 23 18.61 7.32 -8.52
C ASN B 23 17.73 6.09 -8.32
N GLU B 24 18.31 4.92 -8.60
CA GLU B 24 17.62 3.65 -8.45
C GLU B 24 17.90 3.16 -7.04
N GLY B 25 16.86 2.96 -6.24
CA GLY B 25 17.08 2.47 -4.90
C GLY B 25 17.70 1.09 -4.99
N PHE B 26 18.76 0.84 -4.23
CA PHE B 26 19.40 -0.48 -4.28
C PHE B 26 19.56 -1.13 -2.91
N CYS B 27 19.29 -0.37 -1.85
CA CYS B 27 19.39 -0.89 -0.49
C CYS B 27 18.57 -0.01 0.45
N GLY B 28 18.21 -0.56 1.59
CA GLY B 28 17.47 0.19 2.58
C GLY B 28 18.43 0.59 3.69
N GLY B 29 17.94 1.34 4.67
CA GLY B 29 18.77 1.76 5.78
C GLY B 29 17.83 2.12 6.90
N THR B 30 18.35 2.52 8.06
CA THR B 30 17.50 2.91 9.19
C THR B 30 17.99 4.25 9.73
N ILE B 31 17.15 5.29 9.69
CA ILE B 31 17.54 6.60 10.21
C ILE B 31 17.78 6.43 11.71
N LEU B 32 18.99 6.74 12.16
CA LEU B 32 19.35 6.62 13.57
C LEU B 32 19.25 7.98 14.24
N SER B 33 19.47 9.02 13.44
CA SER B 33 19.41 10.37 13.93
C SER B 33 19.35 11.29 12.72
N GLU B 34 19.46 12.59 12.96
CA GLU B 34 19.41 13.56 11.87
C GLU B 34 20.65 13.52 10.99
N PHE B 35 21.68 12.82 11.44
CA PHE B 35 22.93 12.72 10.70
C PHE B 35 23.42 11.31 10.34
N TYR B 36 23.04 10.30 11.12
CA TYR B 36 23.50 8.94 10.87
C TYR B 36 22.46 7.97 10.32
N ILE B 37 22.91 7.07 9.46
CA ILE B 37 22.04 6.07 8.82
C ILE B 37 22.61 4.68 9.06
N LEU B 38 21.83 3.75 9.59
CA LEU B 38 22.34 2.41 9.80
C LEU B 38 22.09 1.61 8.51
N THR B 39 23.07 0.85 8.07
CA THR B 39 22.94 0.06 6.85
C THR B 39 23.83 -1.19 6.96
N ALA B 40 23.76 -2.06 5.96
CA ALA B 40 24.56 -3.28 5.92
C ALA B 40 25.87 -2.94 5.23
N ALA B 41 26.97 -3.57 5.64
CA ALA B 41 28.28 -3.30 5.06
C ALA B 41 28.34 -3.71 3.61
N HIS B 42 27.75 -4.86 3.31
CA HIS B 42 27.75 -5.37 1.96
C HIS B 42 27.08 -4.45 0.95
N CYS B 43 26.18 -3.59 1.43
CA CYS B 43 25.48 -2.65 0.57
C CYS B 43 26.44 -1.56 0.10
N LEU B 44 27.52 -1.38 0.84
CA LEU B 44 28.53 -0.39 0.52
C LEU B 44 29.28 -0.76 -0.75
N TYR B 45 29.08 -1.98 -1.22
CA TYR B 45 29.77 -2.45 -2.41
C TYR B 45 28.84 -2.81 -3.57
N GLN B 46 27.71 -2.10 -3.67
CA GLN B 46 26.76 -2.36 -4.75
C GLN B 46 26.35 -1.10 -5.51
N ALA B 47 27.21 -0.09 -5.46
CA ALA B 47 26.98 1.18 -6.14
C ALA B 47 28.27 2.00 -6.07
N LYS B 48 28.70 2.57 -7.19
CA LYS B 48 29.93 3.37 -7.22
C LYS B 48 29.76 4.65 -6.41
N ARG B 49 28.56 5.21 -6.49
CA ARG B 49 28.21 6.43 -5.77
C ARG B 49 26.74 6.30 -5.39
N PHE B 50 26.43 6.55 -4.13
CA PHE B 50 25.04 6.48 -3.67
C PHE B 50 24.69 7.65 -2.76
N LYS B 51 23.39 7.85 -2.60
CA LYS B 51 22.92 8.93 -1.74
C LYS B 51 21.92 8.25 -0.83
N VAL B 52 21.28 9.03 0.04
CA VAL B 52 20.29 8.46 0.95
C VAL B 52 18.98 9.22 0.79
N ARG B 53 17.94 8.51 0.36
CA ARG B 53 16.64 9.14 0.20
C ARG B 53 15.68 8.71 1.29
N VAL B 54 15.16 9.70 2.01
CA VAL B 54 14.22 9.48 3.11
C VAL B 54 12.93 10.20 2.79
N GLY B 55 11.85 9.86 3.50
CA GLY B 55 10.57 10.52 3.25
C GLY B 55 9.88 9.99 2.01
N ASP B 56 10.66 9.30 1.17
CA ASP B 56 10.16 8.72 -0.07
C ASP B 56 9.24 7.54 0.27
N ARG B 57 8.09 7.46 -0.39
CA ARG B 57 7.17 6.36 -0.12
C ARG B 57 6.62 5.69 -1.38
N ASN B 58 6.99 6.22 -2.54
CA ASN B 58 6.56 5.66 -3.83
C ASN B 58 7.64 6.03 -4.84
N THR B 59 8.51 5.07 -5.16
CA THR B 59 9.61 5.30 -6.09
C THR B 59 9.24 5.79 -7.50
N GLU B 60 8.04 5.46 -7.97
CA GLU B 60 7.61 5.85 -9.31
C GLU B 60 7.12 7.28 -9.43
N GLN B 61 6.15 7.67 -8.59
CA GLN B 61 5.61 9.02 -8.63
C GLN B 61 6.27 9.93 -7.60
N GLU B 62 6.72 11.09 -8.05
CA GLU B 62 7.39 12.05 -7.18
C GLU B 62 6.43 12.88 -6.33
N GLU B 63 5.69 12.20 -5.46
CA GLU B 63 4.74 12.85 -4.58
C GLU B 63 5.38 14.06 -3.88
N GLY B 64 6.68 13.94 -3.60
CA GLY B 64 7.39 15.00 -2.91
C GLY B 64 7.55 14.58 -1.46
N GLY B 65 7.60 15.54 -0.54
CA GLY B 65 7.76 15.22 0.87
C GLY B 65 8.99 14.39 1.21
N GLU B 66 9.87 14.19 0.23
CA GLU B 66 11.09 13.42 0.43
C GLU B 66 12.35 14.27 0.25
N ALA B 67 13.51 13.64 0.38
CA ALA B 67 14.79 14.32 0.25
C ALA B 67 15.96 13.37 0.02
N VAL B 68 16.95 13.83 -0.73
CA VAL B 68 18.15 13.06 -1.03
C VAL B 68 19.34 13.72 -0.35
N HIS B 69 20.08 12.95 0.44
CA HIS B 69 21.23 13.49 1.16
C HIS B 69 22.53 12.84 0.71
N GLU B 70 23.60 13.63 0.65
CA GLU B 70 24.89 13.12 0.24
C GLU B 70 25.62 12.60 1.48
N VAL B 71 26.22 11.41 1.34
CA VAL B 71 26.96 10.78 2.42
C VAL B 71 28.31 11.46 2.67
N GLU B 72 28.46 12.11 3.81
CA GLU B 72 29.72 12.77 4.13
C GLU B 72 30.78 11.71 4.38
N VAL B 73 30.46 10.74 5.23
CA VAL B 73 31.40 9.68 5.56
C VAL B 73 30.71 8.31 5.75
N VAL B 74 31.45 7.22 5.46
CA VAL B 74 30.94 5.85 5.59
C VAL B 74 31.76 5.05 6.58
N ILE B 75 31.14 4.56 7.65
CA ILE B 75 31.83 3.80 8.69
C ILE B 75 31.46 2.32 8.69
N LYS B 76 32.23 1.50 7.97
CA LYS B 76 31.94 0.07 7.88
C LYS B 76 32.65 -0.73 8.97
N HIS B 77 32.06 -1.84 9.37
CA HIS B 77 32.66 -2.66 10.39
C HIS B 77 33.93 -3.30 9.83
N ASN B 78 35.06 -2.93 10.41
CA ASN B 78 36.37 -3.41 9.98
C ASN B 78 36.48 -4.93 9.95
N ARG B 79 35.46 -5.63 10.44
CA ARG B 79 35.48 -7.09 10.44
C ARG B 79 34.52 -7.69 9.42
N PHE B 80 33.89 -6.85 8.60
CA PHE B 80 32.94 -7.34 7.59
C PHE B 80 33.61 -8.43 6.74
N THR B 81 32.89 -9.52 6.53
CA THR B 81 33.41 -10.66 5.75
C THR B 81 32.58 -10.92 4.51
N LYS B 82 33.11 -10.56 3.33
CA LYS B 82 32.39 -10.73 2.08
C LYS B 82 31.86 -12.14 1.74
N GLU B 83 32.54 -13.17 2.22
CA GLU B 83 32.12 -14.53 1.92
C GLU B 83 31.00 -15.07 2.82
N THR B 84 31.07 -14.75 4.11
CA THR B 84 30.07 -15.22 5.07
C THR B 84 29.02 -14.13 5.38
N TYR B 85 29.41 -12.88 5.15
CA TYR B 85 28.56 -11.71 5.40
C TYR B 85 28.49 -11.40 6.89
N ASP B 86 29.48 -11.91 7.64
CA ASP B 86 29.56 -11.66 9.07
C ASP B 86 29.92 -10.20 9.22
N PHE B 87 29.57 -9.62 10.36
CA PHE B 87 29.84 -8.21 10.64
C PHE B 87 29.25 -7.35 9.54
N ASP B 88 28.04 -7.73 9.11
CA ASP B 88 27.33 -6.99 8.06
C ASP B 88 26.55 -5.78 8.63
N ILE B 89 27.28 -4.71 8.94
CA ILE B 89 26.67 -3.52 9.50
C ILE B 89 27.51 -2.30 9.13
N ALA B 90 26.86 -1.14 9.00
CA ALA B 90 27.56 0.07 8.64
C ALA B 90 26.77 1.27 9.13
N VAL B 91 27.42 2.42 9.12
CA VAL B 91 26.80 3.66 9.52
C VAL B 91 27.33 4.72 8.55
N LEU B 92 26.44 5.52 8.00
CA LEU B 92 26.83 6.57 7.07
C LEU B 92 26.49 7.92 7.69
N ARG B 93 27.48 8.79 7.79
CA ARG B 93 27.24 10.12 8.34
C ARG B 93 26.90 11.08 7.21
N LEU B 94 25.67 11.55 7.20
CA LEU B 94 25.22 12.46 6.17
C LEU B 94 25.91 13.82 6.17
N LYS B 95 25.92 14.45 4.99
CA LYS B 95 26.53 15.76 4.82
C LYS B 95 25.59 16.84 5.33
N THR B 96 24.30 16.62 5.17
CA THR B 96 23.32 17.59 5.63
C THR B 96 22.36 16.93 6.61
N PRO B 97 21.99 17.64 7.69
CA PRO B 97 21.07 17.08 8.69
C PRO B 97 19.65 16.83 8.17
N ILE B 98 19.17 15.61 8.39
CA ILE B 98 17.83 15.24 7.99
C ILE B 98 16.88 16.13 8.79
N THR B 99 15.84 16.63 8.13
CA THR B 99 14.86 17.47 8.80
C THR B 99 13.67 16.55 9.06
N PHE B 100 13.58 16.03 10.27
CA PHE B 100 12.50 15.13 10.62
C PHE B 100 11.16 15.77 10.33
N ARG B 101 10.24 14.95 9.86
CA ARG B 101 8.91 15.41 9.52
C ARG B 101 8.07 14.18 9.31
N MET B 102 6.84 14.37 8.88
CA MET B 102 5.95 13.25 8.64
C MET B 102 6.67 12.31 7.69
N ASN B 103 6.82 11.05 8.06
CA ASN B 103 7.48 10.04 7.22
C ASN B 103 9.00 10.06 7.31
N VAL B 104 9.53 10.93 8.16
CA VAL B 104 10.97 11.03 8.36
C VAL B 104 11.22 11.26 9.84
N ALA B 105 11.48 10.16 10.54
CA ALA B 105 11.74 10.22 11.97
C ALA B 105 12.64 9.05 12.29
N PRO B 106 13.43 9.15 13.36
CA PRO B 106 14.35 8.11 13.77
C PRO B 106 13.76 6.97 14.58
N ALA B 107 14.49 5.86 14.61
CA ALA B 107 14.09 4.69 15.38
C ALA B 107 15.05 4.64 16.59
N CYS B 108 14.53 4.28 17.74
CA CYS B 108 15.36 4.24 18.92
C CYS B 108 16.36 3.09 18.91
N LEU B 109 17.51 3.32 19.55
CA LEU B 109 18.53 2.30 19.66
C LEU B 109 18.34 1.86 21.10
N PRO B 110 18.14 0.56 21.31
CA PRO B 110 17.95 0.10 22.69
C PRO B 110 19.22 -0.08 23.50
N GLU B 111 19.06 -0.37 24.79
CA GLU B 111 20.16 -0.62 25.69
C GLU B 111 20.37 -2.14 25.54
N ARG B 112 21.62 -2.53 25.32
CA ARG B 112 22.01 -3.94 25.11
C ARG B 112 21.32 -5.02 25.94
N ASP B 113 21.60 -5.02 27.23
CA ASP B 113 21.02 -6.02 28.12
C ASP B 113 19.51 -6.07 28.08
N TRP B 114 18.88 -4.92 28.06
CA TRP B 114 17.43 -4.83 28.03
C TRP B 114 16.84 -5.33 26.72
N ALA B 115 17.54 -5.08 25.62
CA ALA B 115 17.05 -5.52 24.32
C ALA B 115 16.95 -7.04 24.28
N GLU B 116 18.05 -7.69 24.65
CA GLU B 116 18.11 -9.15 24.63
C GLU B 116 17.02 -9.89 25.42
N SER B 117 16.50 -9.25 26.46
CA SER B 117 15.49 -9.87 27.32
C SER B 117 14.04 -9.45 27.06
N THR B 118 13.88 -8.18 26.69
CA THR B 118 12.57 -7.59 26.47
C THR B 118 12.14 -7.44 25.03
N LEU B 119 13.09 -7.43 24.10
CA LEU B 119 12.74 -7.27 22.72
C LEU B 119 13.01 -8.53 21.91
N MET B 120 14.25 -9.01 21.98
CA MET B 120 14.67 -10.19 21.24
C MET B 120 13.94 -11.45 21.65
N THR B 121 13.23 -11.37 22.77
CA THR B 121 12.49 -12.50 23.28
C THR B 121 11.04 -12.44 22.85
N GLN B 122 10.68 -11.35 22.18
CA GLN B 122 9.32 -11.14 21.69
C GLN B 122 8.95 -12.14 20.60
N LYS B 123 7.67 -12.21 20.28
CA LYS B 123 7.20 -13.15 19.26
C LYS B 123 7.53 -12.72 17.85
N THR B 124 7.44 -11.41 17.58
CA THR B 124 7.73 -10.87 16.24
C THR B 124 8.43 -9.52 16.17
N GLY B 125 8.81 -9.17 14.94
CA GLY B 125 9.49 -7.92 14.64
C GLY B 125 8.93 -7.38 13.34
N ILE B 126 9.42 -6.23 12.90
CA ILE B 126 8.90 -5.62 11.68
C ILE B 126 10.02 -5.23 10.76
N VAL B 127 10.01 -5.77 9.54
CA VAL B 127 11.04 -5.45 8.55
C VAL B 127 10.32 -4.75 7.39
N SER B 128 10.94 -3.71 6.85
CA SER B 128 10.35 -2.96 5.74
C SER B 128 11.34 -2.65 4.63
N GLY B 129 10.81 -2.18 3.50
CA GLY B 129 11.67 -1.82 2.38
C GLY B 129 10.97 -1.71 1.06
N PHE B 130 11.72 -1.32 0.03
CA PHE B 130 11.21 -1.20 -1.33
C PHE B 130 11.77 -2.36 -2.14
N GLY B 131 12.17 -3.42 -1.46
CA GLY B 131 12.75 -4.56 -2.17
C GLY B 131 11.83 -5.22 -3.18
N ARG B 132 12.11 -6.47 -3.50
CA ARG B 132 11.31 -7.20 -4.47
C ARG B 132 10.14 -7.88 -3.81
N THR B 133 9.02 -7.83 -4.52
CA THR B 133 7.76 -8.39 -4.06
C THR B 133 7.66 -9.91 -4.24
N HIS B 134 8.72 -10.50 -4.77
CA HIS B 134 8.82 -11.94 -5.01
C HIS B 134 10.27 -12.17 -5.39
N GLU B 135 10.78 -13.39 -5.21
CA GLU B 135 12.17 -13.66 -5.57
C GLU B 135 12.50 -13.23 -7.00
N LYS B 136 11.59 -13.56 -7.92
CA LYS B 136 11.76 -13.23 -9.33
C LYS B 136 11.19 -11.87 -9.72
N GLY B 137 10.15 -11.44 -9.02
CA GLY B 137 9.51 -10.17 -9.30
C GLY B 137 10.42 -8.96 -9.27
N ARG B 138 9.82 -7.79 -9.34
CA ARG B 138 10.55 -6.53 -9.32
C ARG B 138 10.35 -5.76 -8.02
N GLN B 139 11.13 -4.69 -7.84
CA GLN B 139 11.04 -3.85 -6.65
C GLN B 139 9.67 -3.17 -6.57
N SER B 140 9.10 -3.12 -5.37
CA SER B 140 7.79 -2.50 -5.20
C SER B 140 7.79 -0.98 -5.48
N THR B 141 6.61 -0.45 -5.81
CA THR B 141 6.42 0.97 -6.12
C THR B 141 6.43 1.78 -4.84
N ARG B 142 5.78 1.24 -3.82
CA ARG B 142 5.70 1.92 -2.55
C ARG B 142 6.39 1.15 -1.44
N LEU B 143 6.73 1.88 -0.39
CA LEU B 143 7.38 1.30 0.76
C LEU B 143 6.45 0.24 1.36
N LYS B 144 7.01 -0.91 1.71
CA LYS B 144 6.24 -2.00 2.29
C LYS B 144 6.80 -2.41 3.65
N MET B 145 6.03 -3.20 4.40
CA MET B 145 6.46 -3.67 5.70
C MET B 145 5.97 -5.10 5.91
N LEU B 146 6.52 -5.78 6.90
CA LEU B 146 6.15 -7.17 7.13
C LEU B 146 6.46 -7.54 8.58
N GLU B 147 5.55 -8.27 9.20
CA GLU B 147 5.75 -8.73 10.56
C GLU B 147 6.38 -10.13 10.43
N VAL B 148 7.60 -10.29 10.92
CA VAL B 148 8.28 -11.58 10.82
C VAL B 148 8.58 -12.18 12.19
N PRO B 149 8.05 -13.37 12.46
CA PRO B 149 8.30 -14.02 13.75
C PRO B 149 9.78 -14.30 13.98
N TYR B 150 10.24 -14.16 15.23
CA TYR B 150 11.62 -14.46 15.52
C TYR B 150 11.76 -15.98 15.46
N VAL B 151 12.88 -16.46 14.92
CA VAL B 151 13.14 -17.91 14.82
C VAL B 151 14.32 -18.27 15.73
N ASP B 152 14.30 -19.44 16.36
CA ASP B 152 15.41 -19.80 17.23
C ASP B 152 16.67 -20.18 16.47
N ARG B 153 17.79 -19.75 17.00
CA ARG B 153 19.10 -20.01 16.41
C ARG B 153 19.22 -21.44 15.91
N ASN B 154 18.95 -22.41 16.78
CA ASN B 154 19.03 -23.81 16.38
C ASN B 154 18.27 -24.09 15.09
N SER B 155 16.97 -23.79 15.10
CA SER B 155 16.12 -24.01 13.92
C SER B 155 16.68 -23.26 12.73
N CYS B 156 17.15 -22.05 13.00
CA CYS B 156 17.70 -21.19 11.97
C CYS B 156 18.89 -21.89 11.31
N LYS B 157 19.84 -22.28 12.15
CA LYS B 157 21.06 -22.96 11.70
C LYS B 157 20.82 -24.29 11.02
N LEU B 158 19.84 -25.04 11.50
CA LEU B 158 19.55 -26.33 10.92
C LEU B 158 18.91 -26.17 9.54
N SER B 159 18.45 -24.96 9.25
CA SER B 159 17.81 -24.67 7.97
C SER B 159 18.75 -24.04 6.97
N SER B 160 19.83 -23.46 7.47
CA SER B 160 20.80 -22.78 6.64
C SER B 160 21.82 -23.68 5.99
N SER B 161 22.20 -23.33 4.77
CA SER B 161 23.19 -24.05 4.01
C SER B 161 24.46 -23.24 4.16
N PHE B 162 24.35 -22.15 4.93
CA PHE B 162 25.49 -21.27 5.19
C PHE B 162 25.57 -21.07 6.68
N ILE B 163 26.77 -20.80 7.17
CA ILE B 163 26.95 -20.62 8.61
C ILE B 163 26.19 -19.43 9.14
N ILE B 164 25.60 -19.62 10.31
CA ILE B 164 24.85 -18.59 11.00
C ILE B 164 25.71 -18.19 12.19
N THR B 165 26.42 -17.08 12.07
CA THR B 165 27.29 -16.62 13.15
C THR B 165 26.44 -15.96 14.23
N GLN B 166 27.03 -15.71 15.39
CA GLN B 166 26.29 -15.10 16.48
C GLN B 166 25.95 -13.64 16.18
N ASN B 167 26.55 -13.09 15.14
CA ASN B 167 26.27 -11.72 14.77
C ASN B 167 25.11 -11.73 13.81
N MET B 168 24.34 -12.82 13.88
CA MET B 168 23.19 -13.03 13.01
C MET B 168 22.03 -13.68 13.76
N PHE B 169 20.84 -13.59 13.18
CA PHE B 169 19.65 -14.22 13.73
C PHE B 169 18.63 -14.43 12.62
N CYS B 170 17.69 -15.34 12.82
CA CYS B 170 16.67 -15.62 11.81
C CYS B 170 15.37 -14.92 12.16
N ALA B 171 14.52 -14.72 11.16
CA ALA B 171 13.24 -14.08 11.36
C ALA B 171 12.41 -14.33 10.11
N GLY B 172 11.19 -14.79 10.28
CA GLY B 172 10.37 -15.04 9.12
C GLY B 172 9.57 -16.30 9.29
N TYR B 173 9.21 -16.92 8.18
CA TYR B 173 8.41 -18.14 8.16
C TYR B 173 9.13 -19.32 7.48
N ASP B 174 8.80 -20.54 7.90
CA ASP B 174 9.40 -21.73 7.28
C ASP B 174 8.86 -21.83 5.85
N THR B 175 7.54 -22.08 5.73
CA THR B 175 6.92 -22.21 4.41
C THR B 175 5.93 -21.10 4.03
N LYS B 176 5.51 -20.26 4.98
CA LYS B 176 4.59 -19.18 4.64
C LYS B 176 5.27 -18.24 3.67
N GLN B 177 4.60 -17.95 2.57
CA GLN B 177 5.16 -17.10 1.53
C GLN B 177 5.42 -15.63 1.84
N GLU B 178 6.15 -15.38 2.92
CA GLU B 178 6.48 -14.00 3.31
C GLU B 178 7.91 -13.90 3.81
N ASP B 179 8.59 -12.81 3.45
CA ASP B 179 9.98 -12.60 3.83
C ASP B 179 10.51 -11.30 3.22
N ALA B 180 11.78 -10.99 3.46
CA ALA B 180 12.39 -9.80 2.88
C ALA B 180 13.00 -10.28 1.56
N CYS B 181 13.66 -9.40 0.81
CA CYS B 181 14.24 -9.81 -0.46
C CYS B 181 15.22 -8.75 -0.94
N GLN B 182 15.91 -9.03 -2.05
CA GLN B 182 16.87 -8.10 -2.61
C GLN B 182 16.25 -6.72 -2.77
N GLY B 183 16.95 -5.70 -2.28
CA GLY B 183 16.46 -4.34 -2.35
C GLY B 183 16.08 -3.90 -0.94
N ASP B 184 15.71 -4.87 -0.11
CA ASP B 184 15.34 -4.59 1.27
C ASP B 184 16.61 -4.62 2.14
N SER B 185 17.65 -5.26 1.60
CA SER B 185 18.92 -5.40 2.31
C SER B 185 19.41 -4.06 2.86
N GLY B 186 19.97 -4.10 4.07
CA GLY B 186 20.46 -2.89 4.71
C GLY B 186 19.33 -2.22 5.46
N GLY B 187 18.10 -2.56 5.07
CA GLY B 187 16.92 -2.00 5.67
C GLY B 187 16.68 -2.32 7.13
N PRO B 188 15.62 -1.73 7.71
CA PRO B 188 15.26 -1.94 9.11
C PRO B 188 14.50 -3.18 9.52
N HIS B 189 14.81 -3.63 10.74
CA HIS B 189 14.13 -4.74 11.40
C HIS B 189 13.88 -4.07 12.74
N VAL B 190 12.62 -3.84 13.03
CA VAL B 190 12.24 -3.13 14.22
C VAL B 190 11.36 -3.94 15.14
N THR B 191 11.50 -3.74 16.45
CA THR B 191 10.68 -4.46 17.43
C THR B 191 10.03 -3.41 18.32
N ARG B 192 8.72 -3.51 18.50
CA ARG B 192 7.93 -2.56 19.28
C ARG B 192 7.72 -2.93 20.75
N PHE B 193 7.89 -1.94 21.63
CA PHE B 193 7.65 -2.15 23.06
C PHE B 193 6.93 -0.93 23.60
N LYS B 194 5.70 -1.11 24.08
CA LYS B 194 4.91 -0.01 24.59
C LYS B 194 4.87 1.10 23.56
N ASP B 195 4.54 0.72 22.33
CA ASP B 195 4.41 1.66 21.21
C ASP B 195 5.60 2.50 20.78
N THR B 196 6.81 2.03 21.10
CA THR B 196 8.03 2.72 20.69
C THR B 196 8.78 1.65 19.89
N TYR B 197 9.30 2.02 18.72
CA TYR B 197 10.03 1.08 17.86
C TYR B 197 11.55 1.18 17.99
N PHE B 198 12.15 0.07 18.40
CA PHE B 198 13.60 -0.05 18.62
C PHE B 198 14.31 -0.88 17.57
N VAL B 199 15.38 -0.32 17.00
CA VAL B 199 16.19 -1.01 15.98
C VAL B 199 16.69 -2.34 16.54
N THR B 200 16.31 -3.45 15.91
CA THR B 200 16.71 -4.77 16.38
C THR B 200 17.50 -5.60 15.38
N GLY B 201 17.42 -5.22 14.11
CA GLY B 201 18.14 -5.96 13.09
C GLY B 201 18.28 -5.23 11.77
N ILE B 202 19.22 -5.70 10.95
CA ILE B 202 19.48 -5.12 9.65
C ILE B 202 19.27 -6.26 8.67
N VAL B 203 18.59 -5.99 7.56
CA VAL B 203 18.36 -7.06 6.58
C VAL B 203 19.71 -7.34 5.92
N SER B 204 20.25 -8.52 6.19
CA SER B 204 21.53 -8.97 5.69
C SER B 204 21.43 -9.79 4.39
N TRP B 205 20.86 -10.99 4.48
CA TRP B 205 20.74 -11.84 3.32
C TRP B 205 19.81 -13.00 3.57
N GLY B 206 19.67 -13.87 2.57
CA GLY B 206 18.83 -15.04 2.72
C GLY B 206 19.00 -15.91 1.49
N GLU B 207 18.64 -17.19 1.59
CA GLU B 207 18.73 -18.09 0.45
C GLU B 207 17.42 -17.96 -0.32
N GLY B 208 17.36 -17.00 -1.23
CA GLY B 208 16.15 -16.78 -1.98
C GLY B 208 15.22 -15.89 -1.20
N CYS B 209 13.92 -16.04 -1.42
CA CYS B 209 12.94 -15.24 -0.72
C CYS B 209 11.65 -16.02 -0.50
N ALA B 210 11.27 -16.19 0.77
CA ALA B 210 10.05 -16.89 1.12
C ALA B 210 10.13 -18.37 0.76
N ARG B 211 11.35 -18.83 0.47
CA ARG B 211 11.60 -20.21 0.11
C ARG B 211 11.25 -21.16 1.25
N LYS B 212 10.48 -22.20 0.96
CA LYS B 212 10.12 -23.17 1.98
C LYS B 212 11.37 -23.66 2.70
N GLY B 213 11.24 -23.91 3.99
CA GLY B 213 12.37 -24.39 4.79
C GLY B 213 13.35 -23.32 5.21
N LYS B 214 13.41 -22.19 4.51
CA LYS B 214 14.37 -21.15 4.89
C LYS B 214 13.75 -19.84 5.39
N TYR B 215 14.56 -19.07 6.10
CA TYR B 215 14.15 -17.79 6.66
C TYR B 215 15.05 -16.68 6.16
N GLY B 216 14.82 -15.48 6.68
CA GLY B 216 15.63 -14.33 6.30
C GLY B 216 16.68 -14.17 7.36
N ILE B 217 17.85 -13.67 7.00
CA ILE B 217 18.92 -13.50 7.97
C ILE B 217 19.23 -12.03 8.21
N TYR B 218 19.30 -11.66 9.49
CA TYR B 218 19.57 -10.28 9.86
C TYR B 218 20.78 -10.16 10.77
N THR B 219 21.32 -8.96 10.82
CA THR B 219 22.46 -8.64 11.66
C THR B 219 21.98 -8.31 13.07
N LYS B 220 22.35 -9.16 14.02
CA LYS B 220 21.97 -8.94 15.42
C LYS B 220 22.57 -7.61 15.85
N VAL B 221 21.76 -6.56 15.80
CA VAL B 221 22.22 -5.22 16.19
C VAL B 221 22.67 -5.12 17.65
N THR B 222 22.20 -6.03 18.51
CA THR B 222 22.59 -5.97 19.91
C THR B 222 24.09 -6.18 20.07
N ALA B 223 24.65 -6.99 19.19
CA ALA B 223 26.09 -7.27 19.23
C ALA B 223 26.87 -6.04 18.81
N PHE B 224 26.19 -5.06 18.22
CA PHE B 224 26.88 -3.85 17.76
C PHE B 224 26.39 -2.52 18.34
N LEU B 225 25.62 -2.58 19.40
CA LEU B 225 25.12 -1.37 20.02
C LEU B 225 26.26 -0.47 20.49
N LYS B 226 27.28 -1.09 21.10
CA LYS B 226 28.45 -0.34 21.57
C LYS B 226 29.25 0.16 20.38
N TRP B 227 29.30 -0.65 19.33
CA TRP B 227 30.01 -0.29 18.12
C TRP B 227 29.32 0.90 17.47
N ILE B 228 28.00 0.85 17.41
CA ILE B 228 27.20 1.91 16.80
C ILE B 228 27.39 3.25 17.50
N ASP B 229 27.20 3.28 18.81
CA ASP B 229 27.37 4.50 19.57
C ASP B 229 28.72 5.10 19.28
N ARG B 230 29.71 4.22 19.17
CA ARG B 230 31.08 4.63 18.87
C ARG B 230 31.03 5.38 17.55
N SER B 231 30.57 4.68 16.52
CA SER B 231 30.48 5.25 15.20
C SER B 231 29.69 6.53 15.20
N MET B 232 28.62 6.56 15.98
CA MET B 232 27.76 7.74 16.06
C MET B 232 28.34 8.95 16.80
N LYS B 233 29.50 8.78 17.41
CA LYS B 233 30.13 9.90 18.12
C LYS B 233 31.31 10.37 17.30
N THR B 234 31.08 10.60 16.01
CA THR B 234 32.13 11.03 15.10
C THR B 234 32.00 12.44 14.52
N ARG B 235 33.00 12.82 13.75
CA ARG B 235 33.08 14.13 13.10
C ARG B 235 31.79 14.96 12.96
N CYS C 6 -5.00 51.53 -29.17
CA CYS C 6 -6.23 51.08 -29.90
C CYS C 6 -6.33 51.75 -31.27
N GLU C 7 -5.55 52.81 -31.47
CA GLU C 7 -5.51 53.54 -32.72
C GLU C 7 -5.02 52.58 -33.81
N THR C 8 -4.65 51.38 -33.39
CA THR C 8 -4.15 50.34 -34.29
C THR C 8 -5.24 49.31 -34.66
N SER C 9 -6.41 49.44 -34.04
CA SER C 9 -7.51 48.50 -34.27
C SER C 9 -7.09 47.14 -33.68
N PRO C 10 -6.71 47.13 -32.39
CA PRO C 10 -6.28 45.90 -31.73
C PRO C 10 -7.38 45.05 -31.12
N CYS C 11 -8.47 44.85 -31.85
CA CYS C 11 -9.58 44.02 -31.35
C CYS C 11 -10.32 43.30 -32.49
N GLN C 12 -10.09 41.99 -32.60
CA GLN C 12 -10.71 41.17 -33.63
C GLN C 12 -12.17 40.93 -33.35
N ASN C 13 -12.84 40.25 -34.27
CA ASN C 13 -14.25 39.90 -34.16
C ASN C 13 -15.14 40.97 -33.50
N GLN C 14 -15.06 42.20 -33.98
CA GLN C 14 -15.88 43.30 -33.45
C GLN C 14 -15.90 43.42 -31.93
N GLY C 15 -14.87 44.05 -31.39
CA GLY C 15 -14.79 44.23 -29.95
C GLY C 15 -14.57 45.69 -29.64
N LYS C 16 -14.88 46.09 -28.41
CA LYS C 16 -14.73 47.49 -28.03
C LYS C 16 -13.38 47.73 -27.37
N CYS C 17 -12.63 48.65 -27.92
CA CYS C 17 -11.32 48.98 -27.43
C CYS C 17 -11.25 50.19 -26.50
N LYS C 18 -10.21 50.25 -25.67
CA LYS C 18 -10.04 51.35 -24.73
C LYS C 18 -8.63 51.37 -24.15
N GLY C 20 -5.34 54.43 -22.56
CA GLY C 20 -5.07 55.46 -21.59
C GLY C 20 -3.56 55.58 -21.75
N LEU C 21 -3.10 55.16 -22.92
CA LEU C 21 -1.67 55.14 -23.31
C LEU C 21 -0.84 54.35 -22.26
N GLY C 22 -1.45 53.27 -21.84
CA GLY C 22 -0.87 52.36 -20.88
C GLY C 22 -1.35 50.99 -21.28
N GLU C 23 -2.65 50.71 -21.15
CA GLU C 23 -3.16 49.37 -21.50
C GLU C 23 -4.54 49.44 -22.18
N TYR C 24 -4.62 48.94 -23.41
CA TYR C 24 -5.88 48.93 -24.15
C TYR C 24 -6.60 47.65 -23.75
N THR C 25 -7.84 47.48 -24.21
CA THR C 25 -8.61 46.28 -23.89
C THR C 25 -9.81 46.13 -24.82
N CYS C 26 -10.27 44.89 -25.01
CA CYS C 26 -11.39 44.65 -25.92
C CYS C 26 -12.65 44.05 -25.30
N THR C 27 -13.81 44.50 -25.80
CA THR C 27 -15.10 44.01 -25.33
C THR C 27 -15.62 43.04 -26.40
N CYS C 28 -15.32 41.77 -26.21
CA CYS C 28 -15.70 40.73 -27.15
C CYS C 28 -17.20 40.46 -27.16
N LEU C 29 -17.70 40.06 -28.32
CA LEU C 29 -19.12 39.76 -28.48
C LEU C 29 -19.47 38.39 -27.90
N GLU C 30 -20.59 37.85 -28.36
CA GLU C 30 -21.07 36.54 -27.90
C GLU C 30 -20.48 35.41 -28.76
N GLY C 31 -19.52 34.68 -28.19
CA GLY C 31 -18.90 33.59 -28.92
C GLY C 31 -17.39 33.69 -28.97
N PHE C 32 -16.88 34.91 -28.98
CA PHE C 32 -15.44 35.13 -29.04
C PHE C 32 -14.87 35.49 -27.68
N GLU C 33 -13.54 35.55 -27.60
CA GLU C 33 -12.83 35.87 -26.38
C GLU C 33 -11.33 35.98 -26.65
N GLY C 34 -10.57 36.29 -25.61
CA GLY C 34 -9.14 36.44 -25.76
C GLY C 34 -8.76 37.91 -25.77
N LYS C 35 -7.46 38.19 -25.67
CA LYS C 35 -7.01 39.58 -25.67
C LYS C 35 -7.68 40.37 -26.79
N ASN C 36 -7.84 39.75 -27.95
CA ASN C 36 -8.45 40.44 -29.10
C ASN C 36 -9.67 39.76 -29.66
N CYS C 37 -10.37 38.98 -28.84
CA CYS C 37 -11.57 38.30 -29.29
C CYS C 37 -11.31 37.40 -30.49
N GLU C 38 -10.07 36.95 -30.63
CA GLU C 38 -9.69 36.09 -31.73
C GLU C 38 -9.83 34.63 -31.40
N LEU C 39 -10.45 34.33 -30.25
CA LEU C 39 -10.66 32.95 -29.83
C LEU C 39 -12.14 32.65 -29.73
N PHE C 40 -12.64 31.78 -30.61
CA PHE C 40 -14.05 31.40 -30.62
C PHE C 40 -14.33 30.52 -29.40
N THR C 41 -15.55 30.58 -28.91
CA THR C 41 -15.95 29.80 -27.75
C THR C 41 -16.68 28.53 -28.16
N ARG C 42 -16.90 28.36 -29.46
CA ARG C 42 -17.60 27.19 -29.98
C ARG C 42 -16.61 26.17 -30.53
N LYS C 43 -16.73 24.93 -30.04
CA LYS C 43 -15.86 23.84 -30.48
C LYS C 43 -16.63 22.54 -30.73
N LEU C 44 -15.93 21.54 -31.28
CA LEU C 44 -16.54 20.26 -31.57
C LEU C 44 -15.97 19.14 -30.70
N CYS C 45 -16.53 17.95 -30.83
CA CYS C 45 -16.08 16.81 -30.04
C CYS C 45 -14.59 16.49 -30.12
N SER C 46 -13.97 16.73 -31.27
CA SER C 46 -12.53 16.46 -31.45
C SER C 46 -11.67 17.44 -30.65
N LEU C 47 -12.21 18.61 -30.38
CA LEU C 47 -11.51 19.62 -29.61
C LEU C 47 -12.13 19.76 -28.24
N ASP C 48 -11.35 19.40 -27.21
CA ASP C 48 -11.79 19.49 -25.82
C ASP C 48 -13.09 18.70 -25.55
N ASN C 49 -13.24 17.55 -26.21
CA ASN C 49 -14.42 16.71 -26.06
C ASN C 49 -15.69 17.54 -26.26
N GLY C 50 -15.53 18.68 -26.92
CA GLY C 50 -16.66 19.56 -27.17
C GLY C 50 -17.09 20.30 -25.91
N ASP C 51 -16.29 20.15 -24.86
CA ASP C 51 -16.54 20.79 -23.56
C ASP C 51 -17.45 19.94 -22.69
N CYS C 52 -17.86 18.79 -23.19
CA CYS C 52 -18.73 17.85 -22.49
C CYS C 52 -17.99 17.22 -21.33
N ASP C 53 -18.74 16.88 -20.29
CA ASP C 53 -18.18 16.28 -19.10
C ASP C 53 -18.00 14.80 -19.34
N GLN C 54 -18.93 14.23 -20.11
CA GLN C 54 -18.87 12.81 -20.41
C GLN C 54 -18.99 12.61 -21.92
N PHE C 55 -20.12 12.11 -22.40
CA PHE C 55 -20.26 11.87 -23.83
C PHE C 55 -20.43 13.09 -24.72
N CYS C 56 -19.84 13.02 -25.91
CA CYS C 56 -19.92 14.07 -26.89
C CYS C 56 -20.24 13.46 -28.23
N HIS C 57 -21.10 14.13 -28.98
CA HIS C 57 -21.49 13.67 -30.30
C HIS C 57 -22.16 14.84 -30.98
N GLU C 58 -22.24 14.82 -32.31
CA GLU C 58 -22.84 15.96 -33.01
C GLU C 58 -24.12 15.68 -33.77
N GLU C 59 -24.86 16.75 -34.02
CA GLU C 59 -26.11 16.71 -34.74
C GLU C 59 -26.22 18.07 -35.41
N GLN C 60 -26.87 18.13 -36.57
CA GLN C 60 -26.99 19.39 -37.31
C GLN C 60 -25.65 20.11 -37.21
N ASN C 61 -24.59 19.30 -37.28
CA ASN C 61 -23.20 19.76 -37.21
C ASN C 61 -22.93 20.55 -35.94
N SER C 62 -23.68 20.25 -34.89
CA SER C 62 -23.52 20.91 -33.59
C SER C 62 -23.32 19.85 -32.50
N VAL C 63 -22.41 20.13 -31.57
CA VAL C 63 -22.12 19.21 -30.49
C VAL C 63 -23.29 19.06 -29.54
N VAL C 64 -23.49 17.83 -29.09
CA VAL C 64 -24.56 17.47 -28.15
C VAL C 64 -24.01 16.60 -27.01
N CYS C 65 -23.88 17.17 -25.82
CA CYS C 65 -23.37 16.43 -24.67
C CYS C 65 -24.47 15.60 -24.02
N SER C 66 -24.08 14.53 -23.32
CA SER C 66 -25.02 13.68 -22.63
C SER C 66 -24.25 12.96 -21.52
N CYS C 67 -24.94 12.22 -20.67
CA CYS C 67 -24.28 11.55 -19.56
C CYS C 67 -24.76 10.12 -19.38
N ALA C 68 -24.28 9.48 -18.32
CA ALA C 68 -24.65 8.12 -18.00
C ALA C 68 -25.79 8.10 -17.00
N ARG C 69 -26.34 6.93 -16.76
CA ARG C 69 -27.44 6.79 -15.81
C ARG C 69 -27.02 7.35 -14.47
N GLY C 70 -27.88 8.16 -13.86
CA GLY C 70 -27.54 8.72 -12.58
C GLY C 70 -26.88 10.08 -12.70
N TYR C 71 -27.10 10.74 -13.83
CA TYR C 71 -26.54 12.05 -14.09
C TYR C 71 -27.50 12.79 -15.01
N THR C 72 -27.67 14.08 -14.77
CA THR C 72 -28.55 14.88 -15.62
C THR C 72 -27.65 15.94 -16.25
N LEU C 73 -27.94 16.30 -17.50
CA LEU C 73 -27.13 17.29 -18.17
C LEU C 73 -27.43 18.69 -17.64
N ALA C 74 -26.39 19.35 -17.11
CA ALA C 74 -26.50 20.69 -16.57
C ALA C 74 -27.20 21.63 -17.54
N ASP C 75 -27.66 22.76 -17.03
CA ASP C 75 -28.36 23.72 -17.86
C ASP C 75 -27.46 24.22 -18.98
N ASN C 76 -26.16 24.30 -18.71
CA ASN C 76 -25.22 24.77 -19.71
C ASN C 76 -25.08 23.73 -20.83
N GLY C 77 -25.68 22.56 -20.65
CA GLY C 77 -25.62 21.53 -21.68
C GLY C 77 -24.31 20.79 -21.77
N LYS C 78 -23.38 21.07 -20.87
CA LYS C 78 -22.07 20.44 -20.86
C LYS C 78 -21.81 19.62 -19.59
N ALA C 79 -22.09 20.20 -18.43
CA ALA C 79 -21.86 19.54 -17.16
C ALA C 79 -22.84 18.43 -16.86
N CYS C 80 -22.36 17.40 -16.16
CA CYS C 80 -23.18 16.26 -15.79
C CYS C 80 -23.34 16.29 -14.29
N ILE C 81 -24.57 16.58 -13.85
CA ILE C 81 -24.85 16.65 -12.43
C ILE C 81 -25.43 15.35 -11.88
N PRO C 82 -24.79 14.82 -10.83
CA PRO C 82 -25.26 13.57 -10.23
C PRO C 82 -26.51 13.78 -9.41
N THR C 83 -27.50 12.92 -9.65
CA THR C 83 -28.76 12.97 -8.93
C THR C 83 -28.67 12.14 -7.66
N GLY C 84 -27.53 11.47 -7.48
CA GLY C 84 -27.35 10.64 -6.30
C GLY C 84 -26.11 10.97 -5.49
N PRO C 85 -25.93 10.32 -4.33
CA PRO C 85 -24.77 10.59 -3.47
C PRO C 85 -23.58 9.76 -3.95
N TYR C 86 -23.89 8.65 -4.62
CA TYR C 86 -22.85 7.79 -5.15
C TYR C 86 -23.07 7.55 -6.62
N PRO C 87 -22.64 8.50 -7.46
CA PRO C 87 -22.79 8.37 -8.90
C PRO C 87 -21.69 7.43 -9.43
N CYS C 88 -21.90 6.85 -10.61
CA CYS C 88 -20.93 5.93 -11.19
C CYS C 88 -19.66 6.61 -11.66
N GLY C 89 -18.57 5.87 -11.61
CA GLY C 89 -17.29 6.37 -12.08
C GLY C 89 -16.56 7.33 -11.17
N LYS C 90 -17.16 7.66 -10.04
CA LYS C 90 -16.54 8.58 -9.11
C LYS C 90 -16.08 7.87 -7.86
N GLN C 91 -14.83 8.09 -7.50
CA GLN C 91 -14.25 7.46 -6.32
C GLN C 91 -14.90 8.02 -5.06
N THR C 92 -15.30 7.11 -4.18
CA THR C 92 -15.99 7.48 -2.94
C THR C 92 -15.11 8.05 -1.86
N LEU C 93 -14.05 8.76 -2.22
CA LEU C 93 -13.19 9.35 -1.20
C LEU C 93 -14.08 10.28 -0.37
N GLU C 94 -14.27 9.93 0.89
CA GLU C 94 -15.11 10.72 1.79
C GLU C 94 -14.79 10.40 3.25
N ARG C 95 -13.77 9.56 3.45
CA ARG C 95 -13.35 9.14 4.78
C ARG C 95 -11.83 9.18 4.92
N ILE D 1 -3.02 -9.02 -9.39
CA ILE D 1 -2.24 -7.90 -9.97
C ILE D 1 -0.78 -8.14 -9.63
N VAL D 2 0.08 -7.92 -10.62
CA VAL D 2 1.51 -8.11 -10.46
C VAL D 2 2.25 -6.80 -10.62
N GLY D 3 2.88 -6.34 -9.55
CA GLY D 3 3.64 -5.11 -9.60
C GLY D 3 2.81 -3.85 -9.64
N GLY D 4 1.64 -3.87 -9.03
CA GLY D 4 0.83 -2.67 -9.05
C GLY D 4 1.06 -1.81 -7.83
N GLN D 5 0.02 -1.74 -7.01
CA GLN D 5 0.04 -0.98 -5.77
C GLN D 5 -1.36 -1.09 -5.22
N GLU D 6 -1.51 -0.89 -3.92
CA GLU D 6 -2.82 -1.00 -3.29
C GLU D 6 -3.74 0.19 -3.55
N CYS D 7 -5.04 -0.07 -3.63
CA CYS D 7 -6.03 0.97 -3.84
C CYS D 7 -6.21 1.71 -2.52
N LYS D 8 -6.18 3.04 -2.56
CA LYS D 8 -6.39 3.80 -1.35
C LYS D 8 -7.88 3.63 -1.05
N ASP D 9 -8.40 4.37 -0.08
CA ASP D 9 -9.81 4.26 0.27
C ASP D 9 -10.69 4.96 -0.73
N GLY D 10 -11.74 4.27 -1.17
CA GLY D 10 -12.67 4.84 -2.13
C GLY D 10 -12.03 5.11 -3.46
N GLU D 11 -10.91 4.44 -3.72
CA GLU D 11 -10.16 4.59 -4.97
C GLU D 11 -10.55 3.60 -6.06
N CYS D 12 -11.05 2.43 -5.67
CA CYS D 12 -11.50 1.41 -6.61
C CYS D 12 -12.73 0.75 -6.02
N PRO D 13 -13.80 1.55 -5.77
CA PRO D 13 -15.06 1.09 -5.18
C PRO D 13 -15.96 0.18 -6.01
N TRP D 14 -15.77 0.19 -7.33
CA TRP D 14 -16.56 -0.63 -8.25
C TRP D 14 -16.03 -2.03 -8.31
N GLN D 15 -15.13 -2.37 -7.40
CA GLN D 15 -14.54 -3.70 -7.34
C GLN D 15 -15.35 -4.69 -6.51
N ALA D 16 -15.62 -5.86 -7.08
CA ALA D 16 -16.33 -6.92 -6.38
C ALA D 16 -15.42 -8.16 -6.39
N LEU D 17 -15.70 -9.12 -5.53
CA LEU D 17 -14.89 -10.32 -5.47
C LEU D 17 -15.77 -11.54 -5.32
N LEU D 18 -15.67 -12.48 -6.26
CA LEU D 18 -16.43 -13.70 -6.19
C LEU D 18 -15.68 -14.65 -5.26
N ILE D 19 -16.32 -14.99 -4.13
CA ILE D 19 -15.75 -15.89 -3.14
C ILE D 19 -16.49 -17.20 -3.26
N ASN D 20 -15.73 -18.30 -3.37
CA ASN D 20 -16.32 -19.61 -3.52
C ASN D 20 -17.03 -20.12 -2.28
N GLU D 21 -17.27 -21.43 -2.26
CA GLU D 21 -17.95 -22.10 -1.16
C GLU D 21 -17.14 -22.04 0.14
N GLU D 22 -15.83 -21.83 0.01
CA GLU D 22 -14.94 -21.75 1.16
C GLU D 22 -14.68 -20.31 1.56
N ASN D 23 -15.36 -19.38 0.90
CA ASN D 23 -15.22 -17.97 1.17
C ASN D 23 -13.88 -17.41 0.69
N GLU D 24 -13.19 -18.17 -0.15
CA GLU D 24 -11.92 -17.74 -0.69
C GLU D 24 -12.21 -17.17 -2.07
N GLY D 25 -11.61 -16.03 -2.36
CA GLY D 25 -11.82 -15.38 -3.65
C GLY D 25 -11.18 -16.11 -4.81
N PHE D 26 -11.92 -16.24 -5.92
CA PHE D 26 -11.42 -16.94 -7.09
C PHE D 26 -11.55 -16.11 -8.36
N CYS D 27 -12.22 -14.97 -8.25
CA CYS D 27 -12.43 -14.10 -9.40
C CYS D 27 -12.92 -12.75 -8.92
N GLY D 28 -12.94 -11.78 -9.83
CA GLY D 28 -13.40 -10.46 -9.45
C GLY D 28 -14.70 -10.14 -10.15
N GLY D 29 -15.02 -8.85 -10.20
CA GLY D 29 -16.24 -8.42 -10.86
C GLY D 29 -16.29 -6.91 -10.81
N THR D 30 -17.24 -6.31 -11.53
CA THR D 30 -17.39 -4.86 -11.53
C THR D 30 -18.82 -4.50 -11.15
N ILE D 31 -18.96 -3.60 -10.18
CA ILE D 31 -20.28 -3.17 -9.74
C ILE D 31 -20.84 -2.28 -10.82
N LEU D 32 -21.97 -2.66 -11.39
CA LEU D 32 -22.61 -1.87 -12.42
C LEU D 32 -23.77 -1.06 -11.80
N SER D 33 -24.34 -1.58 -10.71
CA SER D 33 -25.43 -0.91 -10.03
C SER D 33 -25.72 -1.66 -8.74
N GLU D 34 -26.75 -1.23 -8.01
CA GLU D 34 -27.11 -1.87 -6.75
C GLU D 34 -27.48 -3.33 -6.87
N PHE D 35 -27.81 -3.78 -8.07
CA PHE D 35 -28.19 -5.16 -8.31
C PHE D 35 -27.31 -5.95 -9.28
N TYR D 36 -26.55 -5.26 -10.12
CA TYR D 36 -25.74 -5.92 -11.12
C TYR D 36 -24.22 -5.85 -11.06
N ILE D 37 -23.59 -7.00 -11.29
CA ILE D 37 -22.14 -7.11 -11.29
C ILE D 37 -21.68 -7.67 -12.63
N LEU D 38 -20.64 -7.08 -13.19
CA LEU D 38 -20.08 -7.54 -14.47
C LEU D 38 -18.89 -8.44 -14.14
N THR D 39 -18.89 -9.66 -14.67
CA THR D 39 -17.80 -10.60 -14.46
C THR D 39 -17.46 -11.33 -15.76
N ALA D 40 -16.67 -12.39 -15.68
CA ALA D 40 -16.28 -13.18 -16.84
C ALA D 40 -17.08 -14.48 -16.87
N ALA D 41 -17.53 -14.90 -18.04
CA ALA D 41 -18.31 -16.13 -18.13
C ALA D 41 -17.52 -17.32 -17.60
N HIS D 42 -16.22 -17.33 -17.84
CA HIS D 42 -15.40 -18.44 -17.38
C HIS D 42 -15.30 -18.59 -15.85
N CYS D 43 -15.57 -17.51 -15.11
CA CYS D 43 -15.51 -17.59 -13.66
C CYS D 43 -16.67 -18.37 -13.11
N LEU D 44 -17.73 -18.49 -13.89
CA LEU D 44 -18.91 -19.21 -13.47
C LEU D 44 -18.63 -20.71 -13.32
N TYR D 45 -17.60 -21.19 -14.01
CA TYR D 45 -17.23 -22.61 -13.97
C TYR D 45 -16.04 -22.90 -13.06
N GLN D 46 -15.64 -21.93 -12.26
CA GLN D 46 -14.51 -22.12 -11.35
C GLN D 46 -14.97 -22.19 -9.90
N ALA D 47 -16.28 -22.28 -9.71
CA ALA D 47 -16.91 -22.39 -8.40
C ALA D 47 -18.34 -22.78 -8.66
N LYS D 48 -18.72 -23.95 -8.17
CA LYS D 48 -20.09 -24.42 -8.39
C LYS D 48 -21.12 -23.64 -7.53
N ARG D 49 -20.61 -22.99 -6.49
CA ARG D 49 -21.42 -22.22 -5.56
C ARG D 49 -20.61 -21.00 -5.18
N PHE D 50 -21.10 -19.79 -5.49
CA PHE D 50 -20.37 -18.58 -5.12
C PHE D 50 -21.26 -17.41 -4.75
N LYS D 51 -20.65 -16.43 -4.07
CA LYS D 51 -21.34 -15.23 -3.64
C LYS D 51 -20.52 -14.02 -4.02
N VAL D 52 -21.15 -12.86 -4.00
CA VAL D 52 -20.46 -11.63 -4.36
C VAL D 52 -20.28 -10.75 -3.11
N ARG D 53 -19.03 -10.45 -2.78
CA ARG D 53 -18.73 -9.60 -1.64
C ARG D 53 -18.24 -8.26 -2.14
N VAL D 54 -18.69 -7.18 -1.50
CA VAL D 54 -18.29 -5.84 -1.91
C VAL D 54 -17.76 -5.08 -0.70
N GLY D 55 -17.12 -3.95 -0.96
CA GLY D 55 -16.58 -3.13 0.13
C GLY D 55 -15.32 -3.69 0.77
N ASP D 56 -14.95 -4.92 0.38
CA ASP D 56 -13.74 -5.57 0.89
C ASP D 56 -12.46 -4.91 0.39
N ARG D 57 -11.45 -4.82 1.25
CA ARG D 57 -10.17 -4.21 0.86
C ARG D 57 -9.00 -5.07 1.36
N ASN D 58 -9.26 -5.92 2.35
CA ASN D 58 -8.26 -6.81 2.92
C ASN D 58 -8.89 -8.15 3.26
N THR D 59 -8.60 -9.14 2.41
CA THR D 59 -9.14 -10.49 2.54
C THR D 59 -8.91 -11.31 3.80
N GLU D 60 -8.01 -10.88 4.69
CA GLU D 60 -7.73 -11.66 5.89
C GLU D 60 -8.35 -11.20 7.22
N GLN D 61 -9.03 -10.06 7.20
CA GLN D 61 -9.67 -9.56 8.42
C GLN D 61 -10.95 -8.80 8.04
N GLU D 62 -11.91 -8.78 8.96
CA GLU D 62 -13.16 -8.08 8.70
C GLU D 62 -13.05 -6.60 9.09
N GLU D 63 -12.24 -5.85 8.35
CA GLU D 63 -12.05 -4.42 8.64
C GLU D 63 -13.40 -3.72 8.83
N GLY D 64 -14.24 -3.82 7.81
CA GLY D 64 -15.54 -3.20 7.85
C GLY D 64 -15.82 -2.50 6.54
N GLY D 65 -17.10 -2.39 6.19
CA GLY D 65 -17.48 -1.74 4.95
C GLY D 65 -17.68 -2.75 3.84
N GLU D 66 -17.67 -4.03 4.19
CA GLU D 66 -17.83 -5.10 3.22
C GLU D 66 -19.10 -5.92 3.42
N ALA D 67 -19.81 -6.18 2.34
CA ALA D 67 -21.05 -6.94 2.40
C ALA D 67 -21.08 -8.05 1.35
N VAL D 68 -21.58 -9.22 1.76
CA VAL D 68 -21.66 -10.36 0.86
C VAL D 68 -23.08 -10.51 0.32
N HIS D 69 -23.19 -10.56 -1.00
CA HIS D 69 -24.48 -10.68 -1.64
C HIS D 69 -24.65 -12.00 -2.39
N GLU D 70 -25.78 -12.64 -2.18
CA GLU D 70 -26.10 -13.88 -2.83
C GLU D 70 -26.52 -13.49 -4.25
N VAL D 71 -26.36 -14.39 -5.20
CA VAL D 71 -26.72 -14.11 -6.58
C VAL D 71 -28.09 -14.72 -6.88
N GLU D 72 -29.00 -13.91 -7.39
CA GLU D 72 -30.35 -14.38 -7.71
C GLU D 72 -30.43 -14.92 -9.11
N VAL D 73 -29.66 -14.34 -10.00
CA VAL D 73 -29.66 -14.75 -11.39
C VAL D 73 -28.33 -14.48 -12.08
N VAL D 74 -27.71 -15.52 -12.61
CA VAL D 74 -26.45 -15.37 -13.35
C VAL D 74 -26.78 -15.38 -14.85
N ILE D 75 -26.38 -14.34 -15.56
CA ILE D 75 -26.65 -14.20 -16.98
C ILE D 75 -25.37 -14.34 -17.78
N LYS D 76 -25.15 -15.52 -18.36
CA LYS D 76 -23.95 -15.76 -19.12
C LYS D 76 -24.19 -15.57 -20.62
N HIS D 77 -23.19 -15.04 -21.32
CA HIS D 77 -23.30 -14.84 -22.77
C HIS D 77 -23.41 -16.21 -23.43
N ASN D 78 -24.50 -16.41 -24.16
CA ASN D 78 -24.75 -17.68 -24.85
C ASN D 78 -23.66 -18.13 -25.81
N ARG D 79 -22.82 -17.21 -26.26
CA ARG D 79 -21.75 -17.54 -27.19
C ARG D 79 -20.38 -17.75 -26.56
N PHE D 80 -20.33 -17.81 -25.23
CA PHE D 80 -19.07 -18.02 -24.54
C PHE D 80 -18.50 -19.36 -24.97
N THR D 81 -17.25 -19.35 -25.45
CA THR D 81 -16.55 -20.55 -25.91
C THR D 81 -15.43 -20.92 -24.94
N LYS D 82 -15.59 -22.02 -24.23
CA LYS D 82 -14.59 -22.46 -23.26
C LYS D 82 -13.17 -22.56 -23.79
N GLU D 83 -13.02 -23.04 -25.01
CA GLU D 83 -11.70 -23.21 -25.61
C GLU D 83 -10.95 -21.92 -25.84
N THR D 84 -11.65 -20.95 -26.43
CA THR D 84 -11.05 -19.67 -26.76
C THR D 84 -11.37 -18.53 -25.79
N TYR D 85 -12.41 -18.70 -24.96
CA TYR D 85 -12.82 -17.68 -24.01
C TYR D 85 -13.45 -16.52 -24.76
N ASP D 86 -13.89 -16.78 -25.98
CA ASP D 86 -14.53 -15.75 -26.78
C ASP D 86 -15.87 -15.57 -26.06
N PHE D 87 -16.36 -14.32 -26.02
CA PHE D 87 -17.62 -14.00 -25.33
C PHE D 87 -17.52 -14.32 -23.83
N ASP D 88 -16.40 -13.87 -23.23
CA ASP D 88 -16.11 -14.05 -21.81
C ASP D 88 -16.70 -12.83 -21.07
N ILE D 89 -18.01 -12.89 -20.86
CA ILE D 89 -18.76 -11.83 -20.19
C ILE D 89 -20.02 -12.43 -19.55
N ALA D 90 -20.38 -11.92 -18.38
CA ALA D 90 -21.56 -12.39 -17.67
C ALA D 90 -22.03 -11.30 -16.73
N VAL D 91 -23.34 -11.20 -16.56
CA VAL D 91 -23.93 -10.22 -15.66
C VAL D 91 -24.67 -10.97 -14.57
N LEU D 92 -24.40 -10.61 -13.31
CA LEU D 92 -25.05 -11.26 -12.17
C LEU D 92 -26.06 -10.35 -11.47
N ARG D 93 -27.28 -10.85 -11.32
CA ARG D 93 -28.32 -10.11 -10.63
C ARG D 93 -28.34 -10.56 -9.18
N LEU D 94 -28.11 -9.62 -8.27
CA LEU D 94 -28.09 -9.87 -6.83
C LEU D 94 -29.51 -10.03 -6.28
N LYS D 95 -29.67 -10.89 -5.28
CA LYS D 95 -30.96 -11.14 -4.65
C LYS D 95 -31.32 -9.91 -3.86
N THR D 96 -30.30 -9.33 -3.25
CA THR D 96 -30.45 -8.14 -2.42
C THR D 96 -29.64 -6.95 -2.97
N PRO D 97 -30.24 -5.73 -2.98
CA PRO D 97 -29.60 -4.52 -3.49
C PRO D 97 -28.34 -4.06 -2.73
N ILE D 98 -27.36 -3.55 -3.46
CA ILE D 98 -26.14 -3.13 -2.81
C ILE D 98 -26.41 -1.76 -2.22
N THR D 99 -25.74 -1.45 -1.12
CA THR D 99 -25.92 -0.17 -0.49
C THR D 99 -24.62 0.61 -0.64
N PHE D 100 -24.58 1.54 -1.58
CA PHE D 100 -23.39 2.31 -1.87
C PHE D 100 -22.86 3.16 -0.71
N ARG D 101 -21.67 2.86 -0.22
CA ARG D 101 -21.07 3.57 0.90
C ARG D 101 -19.66 3.85 0.44
N MET D 102 -18.78 4.30 1.33
CA MET D 102 -17.40 4.54 0.93
C MET D 102 -16.82 3.22 0.51
N ASN D 103 -16.00 3.26 -0.55
CA ASN D 103 -15.35 2.07 -1.08
C ASN D 103 -16.33 1.11 -1.76
N VAL D 104 -17.58 1.55 -1.86
CA VAL D 104 -18.62 0.76 -2.51
C VAL D 104 -19.47 1.69 -3.39
N ALA D 105 -19.18 1.69 -4.68
CA ALA D 105 -19.87 2.51 -5.68
C ALA D 105 -19.70 1.84 -7.04
N PRO D 106 -20.48 2.28 -8.04
CA PRO D 106 -20.39 1.69 -9.37
C PRO D 106 -19.53 2.44 -10.38
N ALA D 107 -19.24 1.76 -11.48
CA ALA D 107 -18.46 2.34 -12.56
C ALA D 107 -19.46 2.62 -13.68
N CYS D 108 -19.23 3.67 -14.43
CA CYS D 108 -20.15 4.01 -15.51
C CYS D 108 -19.95 3.11 -16.71
N LEU D 109 -21.03 2.90 -17.44
CA LEU D 109 -20.98 2.12 -18.67
C LEU D 109 -21.00 3.25 -19.69
N PRO D 110 -20.09 3.21 -20.68
CA PRO D 110 -20.09 4.29 -21.66
C PRO D 110 -20.97 4.07 -22.89
N GLU D 111 -20.94 5.05 -23.79
CA GLU D 111 -21.67 4.98 -25.04
C GLU D 111 -20.67 4.30 -25.99
N ARG D 112 -21.14 3.38 -26.82
CA ARG D 112 -20.29 2.68 -27.76
C ARG D 112 -19.28 3.58 -28.46
N ASP D 113 -19.75 4.36 -29.44
CA ASP D 113 -18.92 5.28 -30.23
C ASP D 113 -17.96 6.14 -29.42
N TRP D 114 -18.50 6.88 -28.47
CA TRP D 114 -17.69 7.76 -27.63
C TRP D 114 -16.59 6.93 -26.96
N ALA D 115 -16.97 5.78 -26.41
CA ALA D 115 -16.03 4.90 -25.75
C ALA D 115 -14.93 4.49 -26.74
N GLU D 116 -15.34 4.02 -27.90
CA GLU D 116 -14.40 3.59 -28.94
C GLU D 116 -13.44 4.70 -29.34
N SER D 117 -13.98 5.90 -29.45
CA SER D 117 -13.21 7.07 -29.87
C SER D 117 -12.46 7.85 -28.78
N THR D 118 -13.01 7.89 -27.58
CA THR D 118 -12.38 8.67 -26.53
C THR D 118 -11.77 7.85 -25.42
N LEU D 119 -12.22 6.61 -25.26
CA LEU D 119 -11.69 5.79 -24.20
C LEU D 119 -10.69 4.77 -24.73
N MET D 120 -11.15 3.88 -25.60
CA MET D 120 -10.28 2.87 -26.18
C MET D 120 -9.04 3.49 -26.81
N THR D 121 -9.09 4.78 -27.10
CA THR D 121 -7.98 5.47 -27.73
C THR D 121 -6.99 6.09 -26.75
N GLN D 122 -7.29 6.02 -25.47
CA GLN D 122 -6.40 6.58 -24.47
C GLN D 122 -5.19 5.68 -24.32
N LYS D 123 -4.08 6.25 -23.85
CA LYS D 123 -2.85 5.50 -23.68
C LYS D 123 -2.92 4.37 -22.65
N THR D 124 -3.59 4.60 -21.53
CA THR D 124 -3.69 3.58 -20.49
C THR D 124 -5.06 3.40 -19.87
N GLY D 125 -5.22 2.30 -19.15
CA GLY D 125 -6.46 1.99 -18.46
C GLY D 125 -6.04 1.49 -17.10
N ILE D 126 -6.99 1.11 -16.26
CA ILE D 126 -6.64 0.64 -14.92
C ILE D 126 -7.31 -0.66 -14.63
N VAL D 127 -6.54 -1.64 -14.16
CA VAL D 127 -7.06 -2.96 -13.80
C VAL D 127 -6.84 -3.16 -12.30
N SER D 128 -7.72 -3.92 -11.64
CA SER D 128 -7.59 -4.16 -10.20
C SER D 128 -8.00 -5.56 -9.81
N GLY D 129 -7.62 -5.97 -8.60
CA GLY D 129 -7.99 -7.28 -8.14
C GLY D 129 -7.21 -7.77 -6.92
N PHE D 130 -7.69 -8.87 -6.34
CA PHE D 130 -7.05 -9.50 -5.18
C PHE D 130 -6.30 -10.74 -5.66
N GLY D 131 -5.96 -10.75 -6.95
CA GLY D 131 -5.28 -11.90 -7.52
C GLY D 131 -3.81 -12.00 -7.17
N ARG D 132 -3.14 -12.97 -7.81
CA ARG D 132 -1.73 -13.23 -7.58
C ARG D 132 -0.83 -12.02 -7.79
N THR D 133 0.19 -11.92 -6.93
CA THR D 133 1.16 -10.83 -6.99
C THR D 133 2.37 -11.23 -7.81
N HIS D 134 2.31 -12.44 -8.37
CA HIS D 134 3.35 -13.00 -9.22
C HIS D 134 2.78 -14.28 -9.85
N GLU D 135 3.23 -14.61 -11.06
CA GLU D 135 2.75 -15.79 -11.77
C GLU D 135 2.69 -17.06 -10.92
N LYS D 136 3.61 -17.18 -9.97
CA LYS D 136 3.67 -18.35 -9.11
C LYS D 136 3.44 -18.00 -7.64
N GLY D 137 3.44 -16.70 -7.35
CA GLY D 137 3.22 -16.20 -6.00
C GLY D 137 1.83 -16.42 -5.44
N ARG D 138 1.56 -15.79 -4.30
CA ARG D 138 0.28 -15.90 -3.61
C ARG D 138 -0.74 -14.83 -4.00
N GLN D 139 -2.02 -15.11 -3.77
CA GLN D 139 -3.08 -14.16 -4.09
C GLN D 139 -3.07 -13.05 -3.04
N SER D 140 -3.12 -11.81 -3.50
CA SER D 140 -3.10 -10.64 -2.62
C SER D 140 -4.21 -10.65 -1.56
N THR D 141 -3.90 -10.07 -0.39
CA THR D 141 -4.86 -9.99 0.71
C THR D 141 -5.53 -8.63 0.62
N ARG D 142 -4.74 -7.63 0.24
CA ARG D 142 -5.22 -6.27 0.08
C ARG D 142 -5.54 -6.04 -1.40
N LEU D 143 -6.45 -5.12 -1.68
CA LEU D 143 -6.87 -4.80 -3.04
C LEU D 143 -5.82 -4.00 -3.79
N LYS D 144 -5.41 -4.49 -4.97
CA LYS D 144 -4.39 -3.82 -5.79
C LYS D 144 -4.95 -3.27 -7.09
N MET D 145 -4.25 -2.29 -7.64
CA MET D 145 -4.65 -1.69 -8.90
C MET D 145 -3.39 -1.60 -9.75
N LEU D 146 -3.55 -1.38 -11.06
CA LEU D 146 -2.40 -1.29 -11.95
C LEU D 146 -2.78 -0.58 -13.25
N GLU D 147 -2.01 0.45 -13.59
CA GLU D 147 -2.23 1.20 -14.82
C GLU D 147 -1.56 0.47 -15.98
N VAL D 148 -2.38 -0.05 -16.90
CA VAL D 148 -1.88 -0.80 -18.04
C VAL D 148 -2.12 -0.10 -19.38
N PRO D 149 -1.05 0.09 -20.17
CA PRO D 149 -1.15 0.74 -21.48
C PRO D 149 -1.93 -0.14 -22.45
N TYR D 150 -2.85 0.45 -23.20
CA TYR D 150 -3.58 -0.35 -24.18
C TYR D 150 -2.50 -0.82 -25.18
N VAL D 151 -2.67 -2.01 -25.75
CA VAL D 151 -1.71 -2.54 -26.71
C VAL D 151 -2.44 -2.74 -28.03
N ASP D 152 -1.90 -2.21 -29.11
CA ASP D 152 -2.53 -2.33 -30.42
C ASP D 152 -2.82 -3.77 -30.86
N ARG D 153 -4.05 -3.98 -31.33
CA ARG D 153 -4.55 -5.28 -31.77
C ARG D 153 -3.58 -6.15 -32.57
N ASN D 154 -2.78 -5.53 -33.44
CA ASN D 154 -1.83 -6.29 -34.23
C ASN D 154 -0.72 -6.88 -33.40
N SER D 155 -0.08 -6.05 -32.60
CA SER D 155 1.00 -6.50 -31.74
C SER D 155 0.51 -7.60 -30.82
N CYS D 156 -0.74 -7.48 -30.38
CA CYS D 156 -1.35 -8.47 -29.50
C CYS D 156 -1.38 -9.83 -30.20
N LYS D 157 -1.78 -9.81 -31.46
CA LYS D 157 -1.87 -11.01 -32.28
C LYS D 157 -0.51 -11.68 -32.44
N LEU D 158 0.50 -10.86 -32.71
CA LEU D 158 1.86 -11.35 -32.89
C LEU D 158 2.34 -12.06 -31.65
N SER D 159 2.03 -11.47 -30.50
CA SER D 159 2.46 -11.99 -29.20
C SER D 159 1.68 -13.16 -28.64
N SER D 160 0.46 -13.35 -29.13
CA SER D 160 -0.39 -14.42 -28.60
C SER D 160 -0.28 -15.80 -29.27
N SER D 161 -0.04 -16.81 -28.44
CA SER D 161 0.07 -18.19 -28.87
C SER D 161 -1.35 -18.69 -29.14
N PHE D 162 -2.33 -17.89 -28.74
CA PHE D 162 -3.73 -18.23 -28.91
C PHE D 162 -4.47 -17.13 -29.65
N ILE D 163 -5.59 -17.51 -30.26
CA ILE D 163 -6.41 -16.60 -31.04
C ILE D 163 -6.94 -15.42 -30.24
N ILE D 164 -6.96 -14.26 -30.88
CA ILE D 164 -7.44 -13.03 -30.27
C ILE D 164 -8.57 -12.51 -31.12
N THR D 165 -9.79 -12.84 -30.73
CA THR D 165 -10.97 -12.40 -31.45
C THR D 165 -11.23 -10.93 -31.19
N GLN D 166 -12.16 -10.37 -31.95
CA GLN D 166 -12.51 -8.98 -31.83
C GLN D 166 -13.25 -8.67 -30.53
N ASN D 167 -13.65 -9.73 -29.81
CA ASN D 167 -14.34 -9.56 -28.54
C ASN D 167 -13.25 -9.51 -27.49
N MET D 168 -12.04 -9.22 -27.94
CA MET D 168 -10.87 -9.13 -27.07
C MET D 168 -9.98 -7.96 -27.45
N PHE D 169 -9.08 -7.62 -26.54
CA PHE D 169 -8.11 -6.54 -26.74
C PHE D 169 -7.14 -6.74 -25.60
N CYS D 170 -5.95 -6.18 -25.69
CA CYS D 170 -5.04 -6.39 -24.58
C CYS D 170 -4.26 -5.18 -24.16
N ALA D 171 -3.76 -5.24 -22.94
CA ALA D 171 -3.01 -4.16 -22.36
C ALA D 171 -1.93 -4.74 -21.47
N GLY D 172 -0.98 -3.91 -21.10
CA GLY D 172 0.09 -4.36 -20.23
C GLY D 172 1.42 -3.93 -20.80
N TYR D 173 2.46 -4.67 -20.47
CA TYR D 173 3.79 -4.36 -20.96
C TYR D 173 4.40 -5.59 -21.62
N ASP D 174 5.35 -5.35 -22.51
CA ASP D 174 6.04 -6.40 -23.24
C ASP D 174 6.92 -7.18 -22.28
N THR D 175 7.76 -6.46 -21.55
CA THR D 175 8.69 -7.08 -20.62
C THR D 175 8.54 -6.62 -19.17
N LYS D 176 8.05 -5.40 -18.96
CA LYS D 176 7.87 -4.89 -17.60
C LYS D 176 7.12 -5.95 -16.83
N GLN D 177 7.53 -6.16 -15.59
CA GLN D 177 6.89 -7.19 -14.75
C GLN D 177 5.68 -6.71 -13.98
N GLU D 178 4.72 -6.18 -14.73
CA GLU D 178 3.48 -5.69 -14.18
C GLU D 178 2.40 -6.26 -15.06
N ASP D 179 1.39 -6.87 -14.43
CA ASP D 179 0.33 -7.49 -15.19
C ASP D 179 -0.72 -8.06 -14.24
N ALA D 180 -1.96 -8.16 -14.70
CA ALA D 180 -2.98 -8.76 -13.86
C ALA D 180 -2.54 -10.21 -13.82
N CYS D 181 -3.15 -11.03 -12.96
CA CYS D 181 -2.78 -12.44 -12.89
C CYS D 181 -3.96 -13.28 -12.44
N GLN D 182 -3.73 -14.56 -12.21
CA GLN D 182 -4.79 -15.45 -11.76
C GLN D 182 -5.41 -14.85 -10.50
N GLY D 183 -6.74 -14.83 -10.45
CA GLY D 183 -7.42 -14.26 -9.30
C GLY D 183 -8.09 -12.93 -9.63
N ASP D 184 -7.58 -12.26 -10.66
CA ASP D 184 -8.11 -10.97 -11.11
C ASP D 184 -9.12 -11.13 -12.24
N SER D 185 -9.29 -12.37 -12.71
CA SER D 185 -10.20 -12.65 -13.81
C SER D 185 -11.63 -12.27 -13.49
N GLY D 186 -12.27 -11.59 -14.44
CA GLY D 186 -13.63 -11.13 -14.27
C GLY D 186 -13.53 -9.70 -13.78
N GLY D 187 -12.41 -9.42 -13.14
CA GLY D 187 -12.17 -8.10 -12.59
C GLY D 187 -12.35 -6.94 -13.53
N PRO D 188 -12.42 -5.72 -12.98
CA PRO D 188 -12.60 -4.48 -13.74
C PRO D 188 -11.37 -3.95 -14.45
N HIS D 189 -11.64 -3.22 -15.51
CA HIS D 189 -10.64 -2.55 -16.28
C HIS D 189 -11.42 -1.30 -16.66
N VAL D 190 -11.07 -0.18 -16.03
CA VAL D 190 -11.76 1.07 -16.29
C VAL D 190 -10.81 2.11 -16.85
N THR D 191 -11.34 3.03 -17.64
CA THR D 191 -10.56 4.12 -18.23
C THR D 191 -11.16 5.42 -17.68
N ARG D 192 -10.30 6.35 -17.31
CA ARG D 192 -10.76 7.60 -16.76
C ARG D 192 -10.88 8.74 -17.76
N PHE D 193 -11.94 9.53 -17.65
CA PHE D 193 -12.12 10.70 -18.49
C PHE D 193 -12.76 11.81 -17.67
N LYS D 194 -12.02 12.88 -17.44
CA LYS D 194 -12.54 14.00 -16.67
C LYS D 194 -12.99 13.58 -15.28
N ASP D 195 -12.15 12.77 -14.63
CA ASP D 195 -12.42 12.32 -13.27
C ASP D 195 -13.42 11.19 -13.09
N THR D 196 -14.09 10.78 -14.17
CA THR D 196 -15.07 9.69 -14.08
C THR D 196 -14.48 8.40 -14.69
N TYR D 197 -14.89 7.25 -14.15
CA TYR D 197 -14.41 5.94 -14.61
C TYR D 197 -15.49 5.09 -15.26
N PHE D 198 -15.19 4.64 -16.48
CA PHE D 198 -16.08 3.79 -17.26
C PHE D 198 -15.46 2.41 -17.42
N VAL D 199 -16.29 1.38 -17.44
CA VAL D 199 -15.78 0.02 -17.59
C VAL D 199 -15.42 -0.23 -19.06
N THR D 200 -14.11 -0.33 -19.34
CA THR D 200 -13.64 -0.57 -20.70
C THR D 200 -13.24 -2.01 -20.98
N GLY D 201 -13.20 -2.85 -19.95
CA GLY D 201 -12.85 -4.24 -20.15
C GLY D 201 -13.04 -5.12 -18.93
N ILE D 202 -12.92 -6.43 -19.13
CA ILE D 202 -13.03 -7.43 -18.07
C ILE D 202 -11.79 -8.32 -18.14
N VAL D 203 -11.13 -8.55 -17.01
CA VAL D 203 -9.95 -9.41 -17.03
C VAL D 203 -10.38 -10.78 -17.52
N SER D 204 -9.83 -11.20 -18.65
CA SER D 204 -10.17 -12.48 -19.26
C SER D 204 -9.14 -13.58 -19.03
N TRP D 205 -7.98 -13.43 -19.65
CA TRP D 205 -6.92 -14.42 -19.51
C TRP D 205 -5.58 -13.87 -19.96
N GLY D 206 -4.57 -14.73 -19.91
CA GLY D 206 -3.23 -14.36 -20.33
C GLY D 206 -2.37 -15.60 -20.23
N GLU D 207 -1.17 -15.56 -20.79
CA GLU D 207 -0.25 -16.69 -20.71
C GLU D 207 0.71 -16.37 -19.58
N GLY D 208 0.48 -16.98 -18.42
CA GLY D 208 1.33 -16.69 -17.28
C GLY D 208 1.01 -15.30 -16.83
N CYS D 209 1.93 -14.66 -16.13
CA CYS D 209 1.70 -13.32 -15.66
C CYS D 209 2.98 -12.50 -15.70
N ALA D 210 2.92 -11.37 -16.40
CA ALA D 210 4.06 -10.47 -16.55
C ALA D 210 5.18 -11.10 -17.38
N ARG D 211 4.81 -12.04 -18.24
CA ARG D 211 5.79 -12.70 -19.10
C ARG D 211 6.35 -11.70 -20.09
N LYS D 212 7.45 -12.05 -20.74
CA LYS D 212 8.07 -11.17 -21.73
C LYS D 212 7.41 -11.41 -23.08
N GLY D 213 7.13 -10.33 -23.79
CA GLY D 213 6.50 -10.44 -25.10
C GLY D 213 5.05 -10.89 -25.01
N LYS D 214 4.53 -10.96 -23.79
CA LYS D 214 3.15 -11.39 -23.57
C LYS D 214 2.38 -10.29 -22.83
N TYR D 215 1.09 -10.17 -23.10
CA TYR D 215 0.27 -9.16 -22.45
C TYR D 215 -0.93 -9.75 -21.72
N GLY D 216 -1.77 -8.87 -21.18
CA GLY D 216 -2.97 -9.29 -20.49
C GLY D 216 -4.14 -9.21 -21.46
N ILE D 217 -5.05 -10.18 -21.37
CA ILE D 217 -6.18 -10.22 -22.29
C ILE D 217 -7.50 -9.92 -21.61
N TYR D 218 -8.21 -8.92 -22.12
CA TYR D 218 -9.50 -8.51 -21.58
C TYR D 218 -10.63 -8.63 -22.58
N THR D 219 -11.85 -8.79 -22.06
CA THR D 219 -13.04 -8.81 -22.89
C THR D 219 -13.26 -7.36 -23.33
N LYS D 220 -13.48 -7.13 -24.62
CA LYS D 220 -13.73 -5.77 -25.11
C LYS D 220 -15.19 -5.42 -24.83
N VAL D 221 -15.41 -4.71 -23.74
CA VAL D 221 -16.76 -4.34 -23.32
C VAL D 221 -17.54 -3.50 -24.34
N THR D 222 -16.87 -2.66 -25.12
CA THR D 222 -17.62 -1.86 -26.08
C THR D 222 -18.43 -2.73 -27.02
N ALA D 223 -18.02 -3.99 -27.13
CA ALA D 223 -18.72 -4.91 -28.01
C ALA D 223 -19.97 -5.48 -27.32
N PHE D 224 -20.13 -5.24 -26.01
CA PHE D 224 -21.29 -5.78 -25.32
C PHE D 224 -22.12 -4.76 -24.55
N LEU D 225 -21.94 -3.48 -24.86
CA LEU D 225 -22.69 -2.42 -24.16
C LEU D 225 -24.20 -2.59 -24.35
N LYS D 226 -24.60 -3.11 -25.51
CA LYS D 226 -26.00 -3.33 -25.83
C LYS D 226 -26.46 -4.66 -25.21
N TRP D 227 -25.58 -5.65 -25.21
CA TRP D 227 -25.89 -6.95 -24.63
C TRP D 227 -26.05 -6.78 -23.13
N ILE D 228 -25.16 -5.99 -22.54
CA ILE D 228 -25.21 -5.74 -21.10
C ILE D 228 -26.51 -5.08 -20.73
N ASP D 229 -26.91 -4.10 -21.54
CA ASP D 229 -28.13 -3.34 -21.33
C ASP D 229 -29.39 -4.20 -21.33
N ARG D 230 -29.59 -4.95 -22.41
CA ARG D 230 -30.75 -5.81 -22.53
C ARG D 230 -30.85 -6.87 -21.44
N SER D 231 -29.74 -7.12 -20.75
CA SER D 231 -29.70 -8.10 -19.68
C SER D 231 -30.15 -7.53 -18.35
N MET D 232 -29.88 -6.25 -18.15
CA MET D 232 -30.26 -5.56 -16.93
C MET D 232 -31.68 -5.02 -16.96
N LYS D 233 -32.44 -5.36 -15.92
CA LYS D 233 -33.80 -4.88 -15.80
C LYS D 233 -33.67 -3.38 -15.55
N THR D 234 -34.79 -2.66 -15.62
CA THR D 234 -34.77 -1.21 -15.40
C THR D 234 -35.39 -0.87 -14.04
#